data_6OB5
#
_entry.id   6OB5
#
_cell.length_a   44.570
_cell.length_b   190.920
_cell.length_c   55.480
_cell.angle_alpha   90.00
_cell.angle_beta   90.15
_cell.angle_gamma   90.00
#
_symmetry.space_group_name_H-M   'P 1 21 1'
#
loop_
_entity.id
_entity.type
_entity.pdbx_description
1 polymer 'Maltodextrin-binding protein'
2 polymer 'Ankyrin Repeat Domain (AR), S3-2D variant'
3 branched alpha-D-glucopyranose-(1-4)-alpha-D-glucopyranose
4 non-polymer 'FARNESYL DIPHOSPHATE'
5 water water
#
loop_
_entity_poly.entity_id
_entity_poly.type
_entity_poly.pdbx_seq_one_letter_code
_entity_poly.pdbx_strand_id
1 'polypeptide(L)'
;MSKIEEGKLVIWINGDKGYNGLAEVGKKFEKDTGIKVTVEHPDKLEEKFPQVAATGDGPDIIFWAHDRFGGYAQSGLLAE
ITPDKAFQDKLYPFTWDAVRYNGKLIAYPIAVEALSLIYNKDLLPNPPKTWEEIFALDKELKAKGKSALMFNLQEPYFTW
PLIAADGGYAFKYENGKYDIKDVGVDNAGAKAGLTALVYLIAAKAMNADTDYSIAEAAFNKGETAMTINGPWAWSNIDTS
KVNYGVTVLPTFKGQPSKPFVGVLSAGINAASPNKELAKEFLENYLLTDEGLEAVNKDKPLGAVALKSYEEELAKDPRIA
ATMENAQKGEIMPNIPQMSAFWYAVRTAVINAASGRQTVDEALKDAQTRITK
;
B,A
2 'polypeptide(L)'
;MGHHHHHHSDLGRKLLEAARAGQDDEVRILMANGADVNAADNTGTTPLHLAAYSGHLEIVEVLLKHGADVDASDVFGFTP
LGLAALWGHLEIVEVLLKHGEDVNAMGSDGWTPLHAAAKFGYLEIVEVLLKHGADVNAQDKRGKTPFDLAIDNGNEDIAE
VLQKAA
;
C,D
#
loop_
_chem_comp.id
_chem_comp.type
_chem_comp.name
_chem_comp.formula
FPP non-polymer 'FARNESYL DIPHOSPHATE' 'C15 H28 O7 P2'
GLC D-saccharide, alpha linking alpha-D-glucopyranose 'C6 H12 O6'
#
# COMPACT_ATOMS: atom_id res chain seq x y z
N GLU A 6 14.07 44.68 -27.05
CA GLU A 6 15.24 45.02 -27.85
C GLU A 6 15.52 43.94 -28.89
N GLY A 7 16.79 43.79 -29.26
CA GLY A 7 17.26 42.62 -29.97
C GLY A 7 18.29 41.88 -29.13
N LYS A 8 18.01 41.76 -27.83
CA LYS A 8 18.94 41.18 -26.87
C LYS A 8 18.27 39.98 -26.18
N LEU A 9 18.92 39.50 -25.13
CA LEU A 9 18.38 38.42 -24.31
C LEU A 9 18.72 38.73 -22.86
N VAL A 10 17.72 39.10 -22.08
CA VAL A 10 17.86 39.27 -20.64
C VAL A 10 17.36 38.00 -19.97
N ILE A 11 18.10 37.52 -18.97
CA ILE A 11 17.82 36.24 -18.34
C ILE A 11 17.84 36.43 -16.83
N TRP A 12 16.89 35.77 -16.15
CA TRP A 12 16.76 35.85 -14.70
C TRP A 12 16.88 34.44 -14.12
N ILE A 13 17.68 34.31 -13.07
CA ILE A 13 17.88 33.04 -12.39
C ILE A 13 18.16 33.32 -10.93
N ASN A 14 17.65 32.44 -10.05
CA ASN A 14 17.77 32.66 -8.62
C ASN A 14 19.22 32.63 -8.17
N GLY A 15 19.54 33.47 -7.19
CA GLY A 15 20.91 33.69 -6.78
C GLY A 15 21.64 32.46 -6.26
N ASP A 16 20.91 31.40 -5.89
CA ASP A 16 21.52 30.22 -5.33
C ASP A 16 21.86 29.17 -6.39
N LYS A 17 21.82 29.53 -7.67
CA LYS A 17 22.14 28.63 -8.76
C LYS A 17 23.46 29.05 -9.40
N GLY A 18 23.87 28.28 -10.40
CA GLY A 18 25.10 28.56 -11.11
C GLY A 18 24.92 29.55 -12.24
N TYR A 19 24.74 30.83 -11.89
CA TYR A 19 24.50 31.85 -12.90
C TYR A 19 25.76 32.26 -13.64
N ASN A 20 26.94 32.10 -13.02
CA ASN A 20 28.19 32.34 -13.73
C ASN A 20 28.38 31.32 -14.85
N GLY A 21 28.05 30.06 -14.58
CA GLY A 21 28.12 29.06 -15.63
C GLY A 21 27.05 29.27 -16.69
N LEU A 22 25.88 29.76 -16.28
CA LEU A 22 24.86 30.11 -17.26
C LEU A 22 25.29 31.33 -18.06
N ALA A 23 25.89 32.32 -17.40
CA ALA A 23 26.45 33.47 -18.11
C ALA A 23 27.48 33.05 -19.15
N GLU A 24 28.22 31.97 -18.89
CA GLU A 24 29.20 31.49 -19.85
C GLU A 24 28.54 30.83 -21.05
N VAL A 25 27.38 30.20 -20.85
CA VAL A 25 26.62 29.71 -21.99
C VAL A 25 26.07 30.89 -22.79
N GLY A 26 25.72 31.98 -22.11
CA GLY A 26 25.25 33.16 -22.82
C GLY A 26 26.33 33.80 -23.67
N LYS A 27 27.56 33.87 -23.14
CA LYS A 27 28.65 34.47 -23.91
C LYS A 27 29.03 33.63 -25.12
N LYS A 28 28.90 32.31 -25.03
CA LYS A 28 29.07 31.47 -26.22
C LYS A 28 27.98 31.77 -27.24
N PHE A 29 26.72 31.80 -26.80
CA PHE A 29 25.62 32.17 -27.68
C PHE A 29 25.83 33.56 -28.25
N GLU A 30 26.17 34.51 -27.38
CA GLU A 30 26.38 35.89 -27.80
C GLU A 30 27.35 35.99 -28.97
N LYS A 31 28.55 35.44 -28.82
CA LYS A 31 29.55 35.59 -29.86
C LYS A 31 29.18 34.82 -31.13
N ASP A 32 28.50 33.68 -30.98
CA ASP A 32 28.15 32.88 -32.16
C ASP A 32 27.02 33.51 -32.96
N THR A 33 26.27 34.45 -32.38
CA THR A 33 25.12 35.04 -33.05
C THR A 33 25.10 36.56 -33.01
N GLY A 34 25.87 37.20 -32.14
CA GLY A 34 25.88 38.64 -32.05
C GLY A 34 24.84 39.24 -31.15
N ILE A 35 24.06 38.42 -30.44
CA ILE A 35 23.00 38.89 -29.57
C ILE A 35 23.54 38.93 -28.14
N LYS A 36 23.64 40.13 -27.59
CA LYS A 36 24.08 40.28 -26.21
C LYS A 36 23.13 39.56 -25.26
N VAL A 37 23.71 38.84 -24.30
CA VAL A 37 22.95 38.15 -23.27
C VAL A 37 23.38 38.71 -21.92
N THR A 38 22.41 39.04 -21.08
CA THR A 38 22.66 39.56 -19.74
C THR A 38 21.91 38.68 -18.75
N VAL A 39 22.67 37.95 -17.93
CA VAL A 39 22.11 37.08 -16.90
C VAL A 39 22.09 37.86 -15.59
N GLU A 40 20.93 37.90 -14.94
CA GLU A 40 20.79 38.59 -13.67
C GLU A 40 20.31 37.59 -12.62
N HIS A 41 20.58 37.92 -11.36
CA HIS A 41 20.09 37.14 -10.22
C HIS A 41 19.59 38.11 -9.16
N PRO A 42 18.43 38.71 -9.38
CA PRO A 42 17.89 39.69 -8.43
C PRO A 42 17.13 39.03 -7.29
N ASP A 43 17.10 39.72 -6.16
CA ASP A 43 16.34 39.26 -5.01
C ASP A 43 14.86 39.17 -5.35
N LYS A 44 14.19 38.14 -4.85
CA LYS A 44 12.74 38.01 -4.97
C LYS A 44 12.30 38.04 -6.43
N LEU A 45 13.11 37.43 -7.31
CA LEU A 45 12.84 37.54 -8.73
C LEU A 45 11.52 36.89 -9.11
N GLU A 46 11.13 35.81 -8.41
CA GLU A 46 9.86 35.16 -8.73
C GLU A 46 8.66 36.03 -8.39
N GLU A 47 8.84 37.03 -7.53
CA GLU A 47 7.77 37.97 -7.19
C GLU A 47 7.80 39.21 -8.07
N LYS A 48 8.99 39.66 -8.48
CA LYS A 48 9.08 40.83 -9.34
C LYS A 48 8.68 40.52 -10.77
N PHE A 49 8.94 39.30 -11.24
CA PHE A 49 8.61 38.95 -12.62
C PHE A 49 7.16 39.26 -12.98
N PRO A 50 6.15 38.79 -12.24
CA PRO A 50 4.77 39.17 -12.58
C PRO A 50 4.48 40.65 -12.38
N GLN A 51 5.31 41.37 -11.62
CA GLN A 51 5.12 42.80 -11.46
C GLN A 51 5.64 43.58 -12.66
N VAL A 52 6.65 43.07 -13.37
CA VAL A 52 7.39 43.83 -14.35
C VAL A 52 7.44 43.17 -15.72
N ALA A 53 6.93 41.96 -15.86
CA ALA A 53 6.95 41.29 -17.15
C ALA A 53 6.08 42.05 -18.16
N ASP A 57 11.29 46.64 -17.78
CA ASP A 57 12.23 45.94 -16.90
C ASP A 57 12.00 44.44 -16.93
N GLY A 58 11.26 43.97 -17.92
CA GLY A 58 10.97 42.55 -18.03
C GLY A 58 12.11 41.79 -18.68
N PRO A 59 12.45 40.62 -18.15
CA PRO A 59 13.46 39.78 -18.77
C PRO A 59 12.89 38.96 -19.92
N ASP A 60 13.79 38.52 -20.81
CA ASP A 60 13.38 37.66 -21.91
C ASP A 60 13.09 36.25 -21.41
N ILE A 61 13.92 35.74 -20.50
CA ILE A 61 13.77 34.38 -19.98
C ILE A 61 13.85 34.44 -18.46
N ILE A 62 13.03 33.63 -17.79
CA ILE A 62 13.02 33.53 -16.34
C ILE A 62 13.26 32.08 -15.96
N PHE A 63 14.23 31.86 -15.07
CA PHE A 63 14.54 30.54 -14.54
C PHE A 63 13.93 30.40 -13.15
N TRP A 64 13.28 29.27 -12.90
CA TRP A 64 12.72 28.99 -11.59
C TRP A 64 12.18 27.56 -11.61
N ALA A 65 11.87 27.07 -10.43
CA ALA A 65 11.13 25.81 -10.32
C ALA A 65 9.74 25.96 -10.94
N HIS A 66 9.27 24.88 -11.56
CA HIS A 66 8.05 24.92 -12.36
C HIS A 66 6.82 25.34 -11.56
N ASP A 67 6.87 25.28 -10.22
CA ASP A 67 5.64 25.50 -9.45
C ASP A 67 5.05 26.88 -9.70
N ARG A 68 5.89 27.89 -9.92
CA ARG A 68 5.41 29.26 -10.08
C ARG A 68 5.01 29.60 -11.51
N PHE A 69 5.36 28.77 -12.48
CA PHE A 69 5.14 29.10 -13.88
C PHE A 69 3.69 28.93 -14.29
N GLY A 70 2.94 28.04 -13.65
CA GLY A 70 1.52 27.93 -13.96
C GLY A 70 0.75 29.18 -13.57
N GLY A 71 1.15 29.83 -12.47
CA GLY A 71 0.59 31.12 -12.15
C GLY A 71 0.97 32.18 -13.17
N TYR A 72 2.22 32.14 -13.64
CA TYR A 72 2.64 33.05 -14.71
C TYR A 72 1.85 32.79 -15.99
N ALA A 73 1.64 31.52 -16.32
CA ALA A 73 0.99 31.19 -17.58
C ALA A 73 -0.50 31.52 -17.54
N GLN A 74 -1.17 31.22 -16.42
CA GLN A 74 -2.59 31.54 -16.32
C GLN A 74 -2.82 33.04 -16.45
N SER A 75 -1.97 33.85 -15.81
CA SER A 75 -2.02 35.29 -15.97
C SER A 75 -1.60 35.74 -17.36
N GLY A 76 -1.16 34.83 -18.23
CA GLY A 76 -0.76 35.17 -19.57
C GLY A 76 0.62 35.78 -19.68
N LEU A 77 1.47 35.61 -18.67
CA LEU A 77 2.77 36.25 -18.66
C LEU A 77 3.83 35.50 -19.44
N LEU A 78 3.57 34.26 -19.84
CA LEU A 78 4.56 33.43 -20.51
C LEU A 78 4.05 33.06 -21.90
N ALA A 79 4.97 32.98 -22.85
CA ALA A 79 4.65 32.48 -24.18
C ALA A 79 4.68 30.96 -24.17
N GLU A 80 3.95 30.37 -25.11
CA GLU A 80 3.97 28.92 -25.28
C GLU A 80 5.19 28.53 -26.10
N ILE A 81 6.01 27.62 -25.55
CA ILE A 81 7.16 27.14 -26.28
C ILE A 81 6.72 26.19 -27.39
N THR A 82 7.57 26.07 -28.41
CA THR A 82 7.17 25.36 -29.62
C THR A 82 8.08 24.17 -29.96
N PRO A 83 8.60 23.43 -28.98
CA PRO A 83 9.49 22.31 -29.32
C PRO A 83 8.73 21.19 -30.02
N ASP A 84 9.34 20.66 -31.07
CA ASP A 84 8.76 19.54 -31.81
C ASP A 84 9.09 18.22 -31.10
N LYS A 85 8.49 17.13 -31.60
CA LYS A 85 8.68 15.81 -31.00
C LYS A 85 10.16 15.46 -30.90
N ALA A 86 10.93 15.73 -31.95
CA ALA A 86 12.35 15.39 -31.96
C ALA A 86 13.06 15.98 -30.76
N PHE A 87 12.73 17.22 -30.39
CA PHE A 87 13.37 17.85 -29.26
C PHE A 87 12.77 17.39 -27.93
N GLN A 88 11.46 17.21 -27.88
CA GLN A 88 10.84 16.73 -26.65
C GLN A 88 11.42 15.38 -26.23
N ASP A 89 11.79 14.55 -27.20
CA ASP A 89 12.38 13.26 -26.90
C ASP A 89 13.77 13.38 -26.28
N LYS A 90 14.38 14.57 -26.32
CA LYS A 90 15.69 14.75 -25.70
C LYS A 90 15.59 14.74 -24.18
N LEU A 91 14.45 15.15 -23.63
CA LEU A 91 14.25 15.23 -22.20
C LEU A 91 13.30 14.13 -21.74
N TYR A 92 13.36 13.83 -20.44
CA TYR A 92 12.51 12.78 -19.90
C TYR A 92 11.05 13.24 -19.91
N PRO A 93 10.12 12.36 -20.27
CA PRO A 93 8.71 12.81 -20.36
C PRO A 93 8.18 13.44 -19.09
N PHE A 94 8.48 12.86 -17.92
CA PHE A 94 7.93 13.39 -16.67
C PHE A 94 8.35 14.84 -16.44
N THR A 95 9.50 15.24 -16.99
CA THR A 95 9.91 16.64 -16.87
C THR A 95 9.01 17.54 -17.71
N TRP A 96 8.58 17.07 -18.88
CA TRP A 96 7.62 17.83 -19.68
C TRP A 96 6.27 17.91 -18.98
N ASP A 97 5.85 16.81 -18.35
CA ASP A 97 4.59 16.82 -17.60
C ASP A 97 4.60 17.90 -16.52
N ALA A 98 5.76 18.17 -15.92
CA ALA A 98 5.85 19.14 -14.84
C ALA A 98 5.78 20.59 -15.34
N VAL A 99 6.08 20.83 -16.60
CA VAL A 99 6.03 22.18 -17.17
C VAL A 99 4.85 22.27 -18.12
N ARG A 100 3.80 21.49 -17.86
CA ARG A 100 2.61 21.46 -18.69
C ARG A 100 1.46 22.10 -17.92
N TYR A 101 0.81 23.08 -18.53
CA TYR A 101 -0.33 23.77 -17.92
C TYR A 101 -1.48 23.80 -18.89
N ASN A 102 -2.62 23.25 -18.48
CA ASN A 102 -3.82 23.24 -19.30
C ASN A 102 -3.53 22.68 -20.69
N GLY A 103 -2.67 21.66 -20.75
CA GLY A 103 -2.40 20.95 -21.98
C GLY A 103 -1.36 21.56 -22.89
N LYS A 104 -0.77 22.70 -22.51
CA LYS A 104 0.21 23.38 -23.34
C LYS A 104 1.52 23.55 -22.57
N LEU A 105 2.63 23.41 -23.27
CA LEU A 105 3.95 23.55 -22.65
C LEU A 105 4.30 25.03 -22.53
N ILE A 106 4.63 25.45 -21.31
CA ILE A 106 4.84 26.86 -21.01
C ILE A 106 6.27 27.14 -20.55
N ALA A 107 7.15 26.15 -20.58
CA ALA A 107 8.52 26.35 -20.14
C ALA A 107 9.36 25.16 -20.56
N TYR A 108 10.67 25.34 -20.49
CA TYR A 108 11.63 24.28 -20.79
C TYR A 108 12.11 23.63 -19.52
N PRO A 109 12.01 22.31 -19.37
CA PRO A 109 12.55 21.67 -18.16
C PRO A 109 14.06 21.54 -18.23
N ILE A 110 14.71 21.81 -17.10
CA ILE A 110 16.16 21.90 -17.02
C ILE A 110 16.74 20.87 -16.06
N ALA A 111 16.25 20.85 -14.82
CA ALA A 111 16.84 19.99 -13.80
C ALA A 111 15.81 19.69 -12.72
N VAL A 112 15.93 18.50 -12.14
CA VAL A 112 15.04 18.03 -11.08
C VAL A 112 15.77 18.19 -9.75
N GLU A 113 15.16 18.92 -8.82
CA GLU A 113 15.77 19.21 -7.53
C GLU A 113 14.92 18.66 -6.39
N ALA A 114 15.58 18.17 -5.36
CA ALA A 114 14.93 17.74 -4.13
C ALA A 114 15.89 17.98 -2.98
N LEU A 115 15.34 18.11 -1.79
CA LEU A 115 16.15 18.32 -0.60
C LEU A 115 16.60 16.99 -0.03
N SER A 116 17.79 17.00 0.58
CA SER A 116 18.36 15.80 1.17
C SER A 116 19.06 16.18 2.47
N LEU A 117 19.34 15.17 3.28
CA LEU A 117 20.08 15.38 4.52
C LEU A 117 21.57 15.40 4.21
N ILE A 118 22.26 16.41 4.72
CA ILE A 118 23.69 16.58 4.50
C ILE A 118 24.35 16.67 5.87
N TYR A 119 25.31 15.79 6.13
CA TYR A 119 25.91 15.66 7.45
C TYR A 119 27.42 15.65 7.34
N ASN A 120 28.08 16.17 8.38
CA ASN A 120 29.53 16.24 8.46
C ASN A 120 30.04 14.93 9.09
N LYS A 121 30.73 14.12 8.29
CA LYS A 121 31.12 12.78 8.74
C LYS A 121 32.19 12.80 9.81
N ASP A 122 32.87 13.93 10.04
CA ASP A 122 33.84 14.00 11.13
C ASP A 122 33.17 14.26 12.46
N LEU A 123 32.00 14.92 12.44
CA LEU A 123 31.20 15.08 13.65
C LEU A 123 30.13 14.01 13.80
N LEU A 124 29.82 13.29 12.72
CA LEU A 124 28.68 12.37 12.70
C LEU A 124 28.96 11.30 11.66
N PRO A 125 29.77 10.29 12.01
CA PRO A 125 30.07 9.24 11.01
C PRO A 125 28.83 8.50 10.54
N ASN A 126 27.86 8.29 11.42
CA ASN A 126 26.59 7.68 11.06
C ASN A 126 25.49 8.69 11.34
N PRO A 127 24.72 9.11 10.34
CA PRO A 127 23.67 10.11 10.60
C PRO A 127 22.43 9.46 11.18
N PRO A 128 21.63 10.22 11.93
CA PRO A 128 20.36 9.67 12.43
C PRO A 128 19.37 9.42 11.30
N LYS A 129 18.47 8.48 11.54
CA LYS A 129 17.42 8.15 10.59
C LYS A 129 16.09 8.82 10.91
N THR A 130 15.95 9.43 12.09
CA THR A 130 14.68 9.93 12.58
C THR A 130 14.84 11.35 13.11
N TRP A 131 13.74 12.09 13.13
CA TRP A 131 13.74 13.43 13.71
C TRP A 131 13.78 13.40 15.23
N GLU A 132 13.30 12.31 15.83
CA GLU A 132 13.27 12.22 17.29
C GLU A 132 14.69 12.16 17.87
N GLU A 133 15.65 11.64 17.12
CA GLU A 133 17.01 11.54 17.63
C GLU A 133 17.70 12.89 17.74
N ILE A 134 17.36 13.83 16.86
CA ILE A 134 18.11 15.09 16.76
C ILE A 134 18.25 15.76 18.12
N PHE A 135 17.21 15.68 18.94
CA PHE A 135 17.22 16.42 20.21
C PHE A 135 18.32 15.91 21.13
N ALA A 136 18.33 14.61 21.40
CA ALA A 136 19.40 14.04 22.23
C ALA A 136 20.75 14.20 21.54
N LEU A 137 20.78 14.06 20.21
CA LEU A 137 22.02 14.21 19.47
C LEU A 137 22.62 15.61 19.67
N ASP A 138 21.76 16.62 19.75
CA ASP A 138 22.26 17.99 19.93
C ASP A 138 22.83 18.20 21.32
N LYS A 139 22.31 17.50 22.32
CA LYS A 139 22.80 17.67 23.68
C LYS A 139 24.25 17.22 23.81
N GLU A 140 24.60 16.10 23.17
CA GLU A 140 25.97 15.62 23.21
C GLU A 140 26.89 16.44 22.32
N LEU A 141 26.36 17.14 21.32
CA LEU A 141 27.20 17.90 20.40
C LEU A 141 27.55 19.28 20.94
N LYS A 142 26.72 19.85 21.81
CA LYS A 142 27.02 21.18 22.32
C LYS A 142 28.17 21.16 23.32
N ALA A 143 28.39 20.02 23.99
CA ALA A 143 29.57 19.89 24.84
C ALA A 143 30.85 20.02 24.03
N LYS A 144 30.78 19.65 22.76
CA LYS A 144 31.89 19.78 21.82
C LYS A 144 31.94 21.16 21.16
N GLY A 145 31.06 22.08 21.57
CA GLY A 145 31.01 23.38 20.95
C GLY A 145 30.31 23.40 19.61
N LYS A 146 29.48 22.41 19.32
CA LYS A 146 28.87 22.25 18.01
C LYS A 146 27.35 22.24 18.13
N SER A 147 26.69 22.02 17.00
CA SER A 147 25.24 21.91 16.93
C SER A 147 24.89 20.70 16.06
N ALA A 148 23.68 20.18 16.26
CA ALA A 148 23.28 18.97 15.55
C ALA A 148 22.81 19.26 14.13
N LEU A 149 21.85 20.17 13.98
CA LEU A 149 21.25 20.43 12.68
C LEU A 149 20.95 21.91 12.56
N MET A 150 21.19 22.45 11.37
CA MET A 150 20.94 23.86 11.11
C MET A 150 20.59 24.01 9.63
N PHE A 151 19.39 24.51 9.34
CA PHE A 151 18.97 24.72 7.96
C PHE A 151 18.00 25.90 7.92
N ASN A 152 17.57 26.24 6.71
CA ASN A 152 16.78 27.46 6.48
C ASN A 152 15.37 27.27 7.03
N LEU A 153 15.05 27.99 8.11
CA LEU A 153 13.72 27.95 8.69
C LEU A 153 12.83 29.08 8.22
N GLN A 154 13.36 30.02 7.45
CA GLN A 154 12.58 31.14 6.94
C GLN A 154 11.80 30.76 5.68
N GLU A 155 12.17 29.67 5.03
CA GLU A 155 11.50 29.23 3.81
C GLU A 155 10.83 27.89 4.06
N PRO A 156 9.52 27.76 3.87
CA PRO A 156 8.86 26.48 4.15
C PRO A 156 9.30 25.35 3.23
N TYR A 157 10.02 25.66 2.15
CA TYR A 157 10.54 24.62 1.28
C TYR A 157 11.34 23.60 2.06
N PHE A 158 12.02 24.05 3.11
CA PHE A 158 12.94 23.20 3.87
C PHE A 158 12.26 22.51 5.04
N THR A 159 11.25 23.14 5.64
CA THR A 159 10.50 22.53 6.73
C THR A 159 9.35 21.66 6.24
N TRP A 160 8.91 21.86 4.99
CA TRP A 160 7.78 21.09 4.48
C TRP A 160 8.02 19.59 4.50
N PRO A 161 9.21 19.07 4.17
CA PRO A 161 9.40 17.61 4.20
C PRO A 161 9.01 16.99 5.53
N LEU A 162 9.24 17.69 6.63
CA LEU A 162 8.81 17.22 7.94
C LEU A 162 7.31 17.40 8.13
N ILE A 163 6.76 18.50 7.62
CA ILE A 163 5.33 18.77 7.77
C ILE A 163 4.51 17.71 7.05
N ALA A 164 4.98 17.27 5.89
CA ALA A 164 4.26 16.29 5.08
C ALA A 164 4.53 14.85 5.48
N ALA A 165 5.48 14.61 6.40
CA ALA A 165 5.83 13.25 6.78
C ALA A 165 4.62 12.52 7.38
N ASP A 166 4.07 13.08 8.47
CA ASP A 166 2.97 12.42 9.17
C ASP A 166 1.64 12.49 8.42
N GLY A 167 1.50 13.38 7.44
CA GLY A 167 0.24 13.48 6.69
C GLY A 167 0.01 14.76 5.90
N GLY A 168 0.74 15.82 6.22
CA GLY A 168 0.55 17.08 5.54
C GLY A 168 0.67 16.96 4.02
N TYR A 169 -0.10 17.78 3.33
CA TYR A 169 -0.03 17.85 1.87
C TYR A 169 -0.53 19.23 1.43
N ALA A 170 -0.26 19.55 0.17
CA ALA A 170 -0.62 20.87 -0.38
C ALA A 170 -1.98 20.82 -1.05
N PHE A 171 -2.06 20.19 -2.23
CA PHE A 171 -3.30 20.09 -2.99
C PHE A 171 -3.48 18.65 -3.43
N LYS A 172 -4.65 18.09 -3.10
CA LYS A 172 -4.93 16.71 -3.46
C LYS A 172 -5.10 16.59 -4.98
N TYR A 173 -4.57 15.52 -5.55
CA TYR A 173 -4.63 15.28 -6.98
C TYR A 173 -5.69 14.22 -7.27
N GLU A 174 -6.77 14.61 -7.95
CA GLU A 174 -7.89 13.72 -8.20
C GLU A 174 -8.25 13.71 -9.66
N ASN A 175 -8.34 12.51 -10.23
CA ASN A 175 -8.84 12.29 -11.59
C ASN A 175 -8.22 13.24 -12.62
N GLY A 176 -6.95 13.60 -12.41
CA GLY A 176 -6.18 14.33 -13.39
C GLY A 176 -5.85 15.76 -13.01
N LYS A 177 -6.56 16.33 -12.05
CA LYS A 177 -6.37 17.72 -11.65
C LYS A 177 -6.22 17.80 -10.15
N TYR A 178 -5.77 18.95 -9.68
CA TYR A 178 -5.59 19.19 -8.25
C TYR A 178 -6.84 19.86 -7.70
N ASP A 179 -7.43 19.26 -6.68
CA ASP A 179 -8.56 19.86 -5.99
C ASP A 179 -8.07 21.02 -5.14
N ILE A 180 -8.53 22.22 -5.46
CA ILE A 180 -8.13 23.42 -4.73
C ILE A 180 -8.83 23.54 -3.38
N LYS A 181 -9.86 22.72 -3.14
CA LYS A 181 -10.56 22.73 -1.87
C LYS A 181 -10.03 21.67 -0.90
N ASP A 182 -9.26 20.71 -1.38
CA ASP A 182 -8.67 19.67 -0.53
C ASP A 182 -7.25 20.09 -0.19
N VAL A 183 -7.11 20.88 0.87
CA VAL A 183 -5.81 21.37 1.35
C VAL A 183 -5.52 20.72 2.68
N GLY A 184 -4.32 20.15 2.82
CA GLY A 184 -3.95 19.42 4.02
C GLY A 184 -2.99 20.18 4.92
N VAL A 185 -3.20 21.48 5.06
CA VAL A 185 -2.30 22.31 5.85
C VAL A 185 -2.67 22.35 7.34
N ASP A 186 -3.91 22.06 7.69
CA ASP A 186 -4.36 22.09 9.07
C ASP A 186 -4.62 20.71 9.64
N ASN A 187 -4.44 19.66 8.85
CA ASN A 187 -4.74 18.31 9.33
C ASN A 187 -3.76 17.94 10.45
N ALA A 188 -3.94 16.74 11.00
CA ALA A 188 -3.12 16.32 12.13
C ALA A 188 -1.66 16.11 11.72
N GLY A 189 -1.44 15.54 10.54
CA GLY A 189 -0.07 15.31 10.09
C GLY A 189 0.75 16.58 10.05
N ALA A 190 0.21 17.64 9.48
CA ALA A 190 0.94 18.90 9.39
C ALA A 190 1.15 19.53 10.77
N LYS A 191 0.14 19.42 11.65
CA LYS A 191 0.30 19.92 13.01
C LYS A 191 1.38 19.15 13.74
N ALA A 192 1.47 17.84 13.52
CA ALA A 192 2.50 17.05 14.18
C ALA A 192 3.90 17.47 13.71
N GLY A 193 4.10 17.53 12.39
CA GLY A 193 5.39 17.96 11.86
C GLY A 193 5.83 19.30 12.40
N LEU A 194 4.95 20.31 12.29
CA LEU A 194 5.32 21.66 12.72
C LEU A 194 5.45 21.74 14.23
N THR A 195 4.73 20.90 14.97
CA THR A 195 4.88 20.89 16.42
C THR A 195 6.26 20.42 16.84
N ALA A 196 6.75 19.34 16.21
CA ALA A 196 8.10 18.88 16.48
C ALA A 196 9.13 19.99 16.26
N LEU A 197 9.03 20.67 15.11
CA LEU A 197 9.96 21.74 14.80
C LEU A 197 9.89 22.85 15.84
N VAL A 198 8.67 23.28 16.19
CA VAL A 198 8.53 24.39 17.14
C VAL A 198 9.09 24.03 18.50
N TYR A 199 8.98 22.75 18.91
CA TYR A 199 9.52 22.34 20.19
C TYR A 199 11.04 22.26 20.16
N LEU A 200 11.62 21.75 19.07
CA LEU A 200 13.07 21.84 18.93
C LEU A 200 13.53 23.28 19.05
N ILE A 201 12.70 24.22 18.60
CA ILE A 201 13.03 25.64 18.72
C ILE A 201 12.84 26.10 20.16
N ALA A 202 11.68 25.81 20.76
CA ALA A 202 11.42 26.22 22.12
C ALA A 202 12.41 25.59 23.08
N ALA A 203 12.89 24.39 22.79
CA ALA A 203 13.93 23.75 23.58
C ALA A 203 15.32 24.27 23.26
N LYS A 204 15.43 25.26 22.36
CA LYS A 204 16.69 25.85 21.95
C LYS A 204 17.60 24.86 21.22
N ALA A 205 17.00 23.81 20.65
CA ALA A 205 17.72 22.93 19.75
C ALA A 205 17.78 23.49 18.34
N MET A 206 16.92 24.46 18.02
CA MET A 206 16.97 25.19 16.77
C MET A 206 16.83 26.68 17.06
N ASN A 207 17.30 27.49 16.13
CA ASN A 207 17.10 28.94 16.19
C ASN A 207 16.08 29.30 15.14
N ALA A 208 15.09 30.12 15.53
CA ALA A 208 14.03 30.46 14.58
C ALA A 208 14.53 31.42 13.52
N ASP A 209 15.50 32.25 13.83
CA ASP A 209 16.06 33.20 12.87
C ASP A 209 17.08 32.56 11.94
N THR A 210 17.20 31.23 11.96
CA THR A 210 18.14 30.55 11.07
C THR A 210 17.63 30.64 9.65
N ASP A 211 18.46 31.18 8.76
CA ASP A 211 18.15 31.29 7.34
C ASP A 211 19.21 30.53 6.53
N TYR A 212 19.13 30.67 5.20
CA TYR A 212 20.01 29.92 4.32
C TYR A 212 21.47 30.26 4.56
N SER A 213 21.78 31.56 4.60
CA SER A 213 23.17 31.99 4.77
C SER A 213 23.74 31.49 6.09
N ILE A 214 23.01 31.67 7.18
CA ILE A 214 23.50 31.25 8.49
C ILE A 214 23.76 29.75 8.50
N ALA A 215 22.81 28.97 7.96
CA ALA A 215 22.96 27.52 7.97
C ALA A 215 24.12 27.08 7.09
N GLU A 216 24.27 27.69 5.91
CA GLU A 216 25.37 27.31 5.02
C GLU A 216 26.71 27.66 5.63
N ALA A 217 26.84 28.86 6.21
CA ALA A 217 28.08 29.25 6.85
C ALA A 217 28.42 28.32 8.01
N ALA A 218 27.45 28.05 8.88
CA ALA A 218 27.69 27.20 10.03
C ALA A 218 28.14 25.81 9.60
N PHE A 219 27.46 25.23 8.62
CA PHE A 219 27.79 23.87 8.19
C PHE A 219 29.15 23.83 7.51
N ASN A 220 29.38 24.71 6.54
CA ASN A 220 30.65 24.72 5.81
C ASN A 220 31.83 25.10 6.68
N LYS A 221 31.59 25.60 7.89
CA LYS A 221 32.64 25.89 8.86
C LYS A 221 32.77 24.81 9.92
N GLY A 222 32.03 23.71 9.79
CA GLY A 222 32.10 22.64 10.77
C GLY A 222 31.56 23.00 12.14
N GLU A 223 30.59 23.92 12.20
CA GLU A 223 30.00 24.31 13.46
C GLU A 223 28.74 23.53 13.80
N THR A 224 28.13 22.89 12.81
CA THR A 224 26.94 22.07 13.01
C THR A 224 27.11 20.81 12.19
N ALA A 225 26.68 19.68 12.77
CA ALA A 225 26.96 18.38 12.17
C ALA A 225 26.04 18.04 11.01
N MET A 226 24.95 18.77 10.82
CA MET A 226 24.00 18.45 9.76
C MET A 226 23.37 19.70 9.19
N THR A 227 22.81 19.55 7.99
CA THR A 227 21.99 20.57 7.38
C THR A 227 21.13 19.90 6.33
N ILE A 228 20.14 20.63 5.84
CA ILE A 228 19.26 20.16 4.78
C ILE A 228 19.36 21.13 3.62
N ASN A 229 19.64 20.62 2.43
CA ASN A 229 19.81 21.48 1.27
C ASN A 229 19.77 20.62 0.02
N GLY A 230 19.96 21.25 -1.14
CA GLY A 230 19.86 20.57 -2.41
C GLY A 230 21.14 20.64 -3.20
N PRO A 231 21.11 20.11 -4.44
CA PRO A 231 22.35 20.01 -5.22
C PRO A 231 23.15 21.30 -5.32
N TRP A 232 22.48 22.41 -5.61
CA TRP A 232 23.15 23.68 -5.82
C TRP A 232 24.10 24.05 -4.70
N ALA A 233 23.94 23.46 -3.51
CA ALA A 233 24.77 23.80 -2.36
C ALA A 233 26.07 22.98 -2.29
N TRP A 234 26.16 21.89 -3.06
CA TRP A 234 27.29 20.98 -2.89
C TRP A 234 28.62 21.65 -3.20
N SER A 235 28.69 22.43 -4.29
CA SER A 235 29.95 23.08 -4.66
C SER A 235 30.55 23.83 -3.48
N ASN A 236 29.74 24.63 -2.79
CA ASN A 236 30.26 25.42 -1.68
C ASN A 236 30.77 24.53 -0.55
N ILE A 237 30.27 23.31 -0.44
CA ILE A 237 30.75 22.40 0.61
C ILE A 237 32.06 21.76 0.18
N ASP A 238 32.17 21.39 -1.10
CA ASP A 238 33.42 20.85 -1.61
C ASP A 238 34.58 21.78 -1.31
N THR A 239 34.40 23.08 -1.58
CA THR A 239 35.46 24.04 -1.35
C THR A 239 35.66 24.37 0.12
N SER A 240 34.78 23.90 0.99
CA SER A 240 34.93 24.10 2.43
C SER A 240 35.75 22.99 3.09
N LYS A 241 36.26 22.05 2.30
CA LYS A 241 37.07 20.92 2.79
C LYS A 241 36.38 20.22 3.96
N VAL A 242 35.06 20.07 3.84
CA VAL A 242 34.25 19.34 4.80
C VAL A 242 33.91 17.98 4.19
N ASN A 243 34.14 16.92 4.98
CA ASN A 243 33.79 15.56 4.56
C ASN A 243 32.32 15.36 4.86
N TYR A 244 31.49 15.39 3.82
CA TYR A 244 30.05 15.37 3.98
C TYR A 244 29.42 14.22 3.20
N GLY A 245 28.24 13.82 3.65
CA GLY A 245 27.45 12.83 2.93
C GLY A 245 26.06 13.36 2.67
N VAL A 246 25.55 13.04 1.48
CA VAL A 246 24.20 13.41 1.07
C VAL A 246 23.35 12.15 1.11
N THR A 247 22.36 12.14 1.99
CA THR A 247 21.61 10.91 2.26
C THR A 247 20.13 11.25 2.49
N VAL A 248 19.37 10.19 2.75
CA VAL A 248 17.93 10.32 2.94
C VAL A 248 17.64 11.21 4.14
N LEU A 249 16.48 11.84 4.12
CA LEU A 249 16.07 12.75 5.19
C LEU A 249 15.58 11.94 6.40
N PRO A 250 15.64 12.53 7.60
CA PRO A 250 15.19 11.79 8.78
C PRO A 250 13.70 11.54 8.76
N THR A 251 13.30 10.37 9.25
CA THR A 251 11.88 10.02 9.31
C THR A 251 11.19 10.78 10.44
N PHE A 252 9.86 10.77 10.39
CA PHE A 252 9.02 11.35 11.43
C PHE A 252 7.85 10.42 11.65
N LYS A 253 7.57 10.09 12.91
CA LYS A 253 6.59 9.06 13.25
C LYS A 253 6.92 7.75 12.56
N GLY A 254 8.22 7.48 12.37
CA GLY A 254 8.64 6.32 11.63
C GLY A 254 8.39 6.41 10.14
N GLN A 255 7.82 7.53 9.67
CA GLN A 255 7.49 7.80 8.29
C GLN A 255 8.51 8.74 7.67
N PRO A 256 8.81 8.59 6.37
CA PRO A 256 9.85 9.43 5.76
C PRO A 256 9.41 10.88 5.56
N SER A 257 10.39 11.78 5.60
CA SER A 257 10.14 13.16 5.23
C SER A 257 9.82 13.23 3.74
N LYS A 258 8.89 14.10 3.37
CA LYS A 258 8.37 14.14 2.00
C LYS A 258 8.65 15.50 1.39
N PRO A 259 9.81 15.71 0.78
CA PRO A 259 10.12 17.01 0.18
C PRO A 259 9.40 17.22 -1.15
N PHE A 260 9.13 18.50 -1.43
CA PHE A 260 8.52 18.90 -2.70
C PHE A 260 9.58 18.88 -3.78
N VAL A 261 9.35 18.09 -4.83
CA VAL A 261 10.30 17.95 -5.93
C VAL A 261 10.06 19.09 -6.91
N GLY A 262 11.01 20.01 -6.98
CA GLY A 262 10.94 21.08 -7.95
C GLY A 262 11.70 20.78 -9.22
N VAL A 263 11.27 21.38 -10.31
CA VAL A 263 11.89 21.19 -11.62
C VAL A 263 12.26 22.58 -12.12
N LEU A 264 13.52 22.96 -11.93
CA LEU A 264 14.03 24.20 -12.49
C LEU A 264 13.71 24.26 -13.97
N SER A 265 12.95 25.28 -14.37
CA SER A 265 12.51 25.44 -15.74
C SER A 265 12.75 26.86 -16.18
N ALA A 266 12.76 27.05 -17.50
CA ALA A 266 12.98 28.36 -18.12
C ALA A 266 11.75 28.72 -18.95
N GLY A 267 11.05 29.77 -18.54
CA GLY A 267 9.89 30.26 -19.26
C GLY A 267 10.23 31.51 -20.05
N ILE A 268 9.59 31.66 -21.21
CA ILE A 268 9.81 32.80 -22.09
C ILE A 268 8.71 33.82 -21.84
N ASN A 269 9.10 35.07 -21.58
CA ASN A 269 8.15 36.15 -21.37
C ASN A 269 7.30 36.34 -22.63
N ALA A 270 5.99 36.49 -22.43
CA ALA A 270 5.11 36.76 -23.56
C ALA A 270 5.41 38.13 -24.17
N ALA A 271 5.80 39.10 -23.34
CA ALA A 271 6.09 40.45 -23.81
C ALA A 271 7.47 40.58 -24.42
N SER A 272 8.14 39.47 -24.70
CA SER A 272 9.50 39.52 -25.23
C SER A 272 9.48 39.65 -26.74
N PRO A 273 10.12 40.67 -27.32
CA PRO A 273 10.31 40.68 -28.78
C PRO A 273 11.32 39.65 -29.25
N ASN A 274 11.96 38.91 -28.34
CA ASN A 274 13.05 38.02 -28.68
C ASN A 274 12.72 36.56 -28.39
N LYS A 275 11.54 36.10 -28.84
CA LYS A 275 11.08 34.78 -28.47
C LYS A 275 11.77 33.68 -29.26
N GLU A 276 12.24 33.97 -30.48
CA GLU A 276 12.93 32.96 -31.27
C GLU A 276 14.41 32.89 -30.94
N LEU A 277 15.02 34.02 -30.57
CA LEU A 277 16.36 33.98 -30.00
C LEU A 277 16.36 33.20 -28.68
N ALA A 278 15.31 33.38 -27.89
CA ALA A 278 15.16 32.60 -26.66
C ALA A 278 15.04 31.12 -26.97
N LYS A 279 14.25 30.76 -27.96
CA LYS A 279 14.13 29.35 -28.35
C LYS A 279 15.49 28.80 -28.76
N GLU A 280 16.19 29.52 -29.63
CA GLU A 280 17.51 29.07 -30.09
C GLU A 280 18.46 28.89 -28.92
N PHE A 281 18.48 29.86 -27.99
CA PHE A 281 19.37 29.77 -26.84
C PHE A 281 19.02 28.59 -25.96
N LEU A 282 17.76 28.51 -25.52
CA LEU A 282 17.36 27.46 -24.60
C LEU A 282 17.43 26.10 -25.27
N GLU A 283 17.02 26.03 -26.55
CA GLU A 283 16.88 24.76 -27.23
C GLU A 283 18.21 24.19 -27.70
N ASN A 284 19.11 25.04 -28.22
CA ASN A 284 20.30 24.56 -28.90
C ASN A 284 21.61 25.01 -28.26
N TYR A 285 21.56 25.67 -27.10
CA TYR A 285 22.77 26.08 -26.42
C TYR A 285 22.77 25.64 -24.96
N LEU A 286 21.66 25.86 -24.26
CA LEU A 286 21.57 25.49 -22.86
C LEU A 286 21.22 24.02 -22.70
N LEU A 287 20.18 23.56 -23.36
CA LEU A 287 19.76 22.17 -23.24
C LEU A 287 20.62 21.27 -24.11
N THR A 288 21.93 21.38 -23.93
CA THR A 288 22.90 20.47 -24.53
C THR A 288 23.86 20.02 -23.42
N ASP A 289 24.53 18.89 -23.65
CA ASP A 289 25.49 18.38 -22.66
C ASP A 289 26.46 19.47 -22.24
N GLU A 290 26.82 20.36 -23.17
CA GLU A 290 27.84 21.38 -22.91
C GLU A 290 27.27 22.55 -22.10
N GLY A 291 26.07 23.00 -22.46
CA GLY A 291 25.44 24.06 -21.69
C GLY A 291 25.10 23.61 -20.28
N LEU A 292 24.58 22.39 -20.15
CA LEU A 292 24.25 21.87 -18.83
C LEU A 292 25.50 21.60 -18.00
N GLU A 293 26.57 21.11 -18.65
CA GLU A 293 27.81 20.90 -17.92
C GLU A 293 28.36 22.21 -17.37
N ALA A 294 28.33 23.27 -18.18
CA ALA A 294 28.86 24.56 -17.74
C ALA A 294 28.13 25.04 -16.49
N VAL A 295 26.80 24.99 -16.51
CA VAL A 295 26.03 25.44 -15.35
C VAL A 295 26.26 24.49 -14.17
N ASN A 296 26.29 23.18 -14.44
CA ASN A 296 26.45 22.21 -13.36
C ASN A 296 27.80 22.36 -12.66
N LYS A 297 28.87 22.60 -13.43
CA LYS A 297 30.18 22.77 -12.82
C LYS A 297 30.26 24.04 -11.97
N ASP A 298 29.42 25.04 -12.28
CA ASP A 298 29.36 26.23 -11.44
C ASP A 298 28.66 25.91 -10.13
N LYS A 299 27.44 25.39 -10.21
CA LYS A 299 26.71 24.91 -9.06
C LYS A 299 25.91 23.72 -9.59
N PRO A 300 25.89 22.58 -8.88
CA PRO A 300 25.24 21.40 -9.43
C PRO A 300 23.74 21.60 -9.63
N LEU A 301 23.22 20.97 -10.68
CA LEU A 301 21.81 21.06 -11.03
C LEU A 301 20.99 19.92 -10.48
N GLY A 302 21.63 18.82 -10.09
CA GLY A 302 20.91 17.62 -9.68
C GLY A 302 20.77 16.65 -10.83
N ALA A 303 19.62 16.00 -10.93
CA ALA A 303 19.33 15.10 -12.03
C ALA A 303 18.73 15.93 -13.15
N VAL A 304 19.54 16.21 -14.17
CA VAL A 304 19.11 17.10 -15.24
C VAL A 304 18.03 16.40 -16.09
N ALA A 305 17.23 17.24 -16.76
CA ALA A 305 16.15 16.72 -17.59
C ALA A 305 16.68 16.09 -18.87
N LEU A 306 17.83 16.56 -19.36
CA LEU A 306 18.41 16.02 -20.58
C LEU A 306 18.83 14.57 -20.35
N LYS A 307 18.26 13.67 -21.15
CA LYS A 307 18.48 12.24 -20.97
C LYS A 307 19.95 11.88 -21.10
N SER A 308 20.65 12.51 -22.04
CA SER A 308 22.04 12.13 -22.31
C SER A 308 22.95 12.51 -21.14
N TYR A 309 22.92 13.77 -20.72
CA TYR A 309 23.80 14.22 -19.65
C TYR A 309 23.38 13.66 -18.30
N GLU A 310 22.07 13.43 -18.10
CA GLU A 310 21.60 12.83 -16.86
C GLU A 310 22.03 11.37 -16.76
N GLU A 311 21.84 10.61 -17.84
CA GLU A 311 22.34 9.25 -17.91
C GLU A 311 23.83 9.20 -17.65
N GLU A 312 24.55 10.24 -18.05
CA GLU A 312 26.00 10.31 -17.87
C GLU A 312 26.36 10.54 -16.39
N LEU A 313 25.65 11.43 -15.71
CA LEU A 313 25.94 11.76 -14.33
C LEU A 313 25.20 10.87 -13.33
N ALA A 314 24.49 9.84 -13.80
CA ALA A 314 23.60 9.09 -12.92
C ALA A 314 24.35 8.42 -11.78
N LYS A 315 25.64 8.12 -11.96
CA LYS A 315 26.40 7.38 -10.97
C LYS A 315 26.86 8.23 -9.80
N ASP A 316 26.45 9.51 -9.74
CA ASP A 316 26.84 10.36 -8.63
C ASP A 316 25.99 10.01 -7.42
N PRO A 317 26.59 9.57 -6.31
CA PRO A 317 25.78 9.12 -5.17
C PRO A 317 24.93 10.22 -4.56
N ARG A 318 25.37 11.47 -4.66
CA ARG A 318 24.58 12.56 -4.11
C ARG A 318 23.31 12.78 -4.91
N ILE A 319 23.37 12.56 -6.24
CA ILE A 319 22.17 12.64 -7.06
C ILE A 319 21.27 11.44 -6.83
N ALA A 320 21.87 10.27 -6.61
CA ALA A 320 21.08 9.08 -6.28
C ALA A 320 20.30 9.29 -5.00
N ALA A 321 20.94 9.90 -3.99
CA ALA A 321 20.23 10.26 -2.77
C ALA A 321 19.15 11.28 -3.05
N THR A 322 19.45 12.26 -3.90
CA THR A 322 18.47 13.28 -4.24
C THR A 322 17.19 12.66 -4.80
N MET A 323 17.31 11.79 -5.79
CA MET A 323 16.10 11.20 -6.35
C MET A 323 15.50 10.14 -5.44
N GLU A 324 16.26 9.63 -4.46
CA GLU A 324 15.67 8.76 -3.46
C GLU A 324 14.75 9.56 -2.55
N ASN A 325 15.22 10.70 -2.07
CA ASN A 325 14.36 11.59 -1.28
C ASN A 325 13.18 12.08 -2.11
N ALA A 326 13.41 12.37 -3.40
CA ALA A 326 12.33 12.80 -4.27
C ALA A 326 11.29 11.70 -4.45
N GLN A 327 11.75 10.45 -4.55
CA GLN A 327 10.84 9.31 -4.69
C GLN A 327 9.95 9.14 -3.46
N LYS A 328 10.38 9.64 -2.30
CA LYS A 328 9.53 9.62 -1.12
C LYS A 328 8.53 10.77 -1.17
N GLY A 329 8.95 11.92 -1.71
CA GLY A 329 8.12 13.10 -1.77
C GLY A 329 7.26 13.13 -3.01
N GLU A 330 6.69 14.30 -3.27
CA GLU A 330 5.73 14.49 -4.35
C GLU A 330 6.16 15.63 -5.25
N ILE A 331 5.91 15.46 -6.56
CA ILE A 331 6.16 16.52 -7.52
C ILE A 331 5.28 17.72 -7.20
N MET A 332 5.88 18.90 -7.26
CA MET A 332 5.14 20.12 -6.96
C MET A 332 4.01 20.32 -7.97
N PRO A 333 2.84 20.81 -7.53
CA PRO A 333 1.86 21.29 -8.50
C PRO A 333 2.29 22.62 -9.10
N ASN A 334 1.81 22.89 -10.31
CA ASN A 334 2.06 24.18 -10.95
C ASN A 334 0.85 25.10 -10.96
N ILE A 335 -0.27 24.69 -10.39
CA ILE A 335 -1.49 25.49 -10.40
C ILE A 335 -1.22 26.85 -9.77
N PRO A 336 -1.95 27.90 -10.16
CA PRO A 336 -1.67 29.23 -9.60
C PRO A 336 -1.88 29.32 -8.09
N GLN A 337 -2.71 28.44 -7.52
CA GLN A 337 -2.95 28.48 -6.08
C GLN A 337 -1.71 28.09 -5.28
N MET A 338 -0.70 27.48 -5.92
CA MET A 338 0.55 27.20 -5.23
C MET A 338 1.15 28.45 -4.62
N SER A 339 1.02 29.58 -5.30
CA SER A 339 1.51 30.84 -4.75
C SER A 339 0.90 31.12 -3.38
N ALA A 340 -0.43 31.05 -3.30
CA ALA A 340 -1.10 31.22 -2.02
C ALA A 340 -0.61 30.19 -1.00
N PHE A 341 -0.49 28.94 -1.43
CA PHE A 341 0.03 27.89 -0.54
C PHE A 341 1.34 28.31 0.11
N TRP A 342 2.36 28.59 -0.71
CA TRP A 342 3.68 28.92 -0.17
C TRP A 342 3.66 30.15 0.72
N TYR A 343 2.80 31.13 0.41
CA TYR A 343 2.78 32.36 1.19
C TYR A 343 2.15 32.14 2.56
N ALA A 344 1.15 31.26 2.64
CA ALA A 344 0.45 31.05 3.91
C ALA A 344 1.27 30.18 4.85
N VAL A 345 1.76 29.05 4.36
CA VAL A 345 2.61 28.19 5.18
C VAL A 345 3.81 28.96 5.71
N ARG A 346 4.48 29.70 4.83
CA ARG A 346 5.67 30.45 5.22
C ARG A 346 5.37 31.34 6.42
N THR A 347 4.28 32.10 6.36
CA THR A 347 3.91 32.95 7.49
C THR A 347 3.55 32.11 8.70
N ALA A 348 2.79 31.04 8.50
CA ALA A 348 2.44 30.15 9.60
C ALA A 348 3.69 29.62 10.29
N VAL A 349 4.61 29.05 9.51
CA VAL A 349 5.80 28.41 10.08
C VAL A 349 6.62 29.43 10.87
N ILE A 350 6.75 30.64 10.36
CA ILE A 350 7.60 31.62 11.03
C ILE A 350 6.92 32.16 12.28
N ASN A 351 5.59 32.14 12.33
CA ASN A 351 4.88 32.62 13.51
C ASN A 351 4.81 31.56 14.60
N ALA A 352 4.52 30.31 14.23
CA ALA A 352 4.61 29.22 15.18
C ALA A 352 6.02 29.08 15.72
N ALA A 353 7.00 29.04 14.82
CA ALA A 353 8.39 28.84 15.22
C ALA A 353 8.86 29.91 16.21
N SER A 354 8.30 31.11 16.14
CA SER A 354 8.71 32.21 17.00
C SER A 354 7.79 32.43 18.18
N GLY A 355 6.74 31.61 18.33
CA GLY A 355 5.80 31.78 19.41
C GLY A 355 4.77 32.86 19.20
N ARG A 356 4.81 33.57 18.06
CA ARG A 356 3.80 34.59 17.79
C ARG A 356 2.41 33.98 17.75
N GLN A 357 2.29 32.78 17.19
CA GLN A 357 1.04 32.04 17.15
C GLN A 357 1.32 30.61 17.56
N THR A 358 0.27 29.90 17.95
CA THR A 358 0.41 28.48 18.19
C THR A 358 0.32 27.72 16.87
N VAL A 359 0.86 26.50 16.87
CA VAL A 359 0.85 25.70 15.65
C VAL A 359 -0.57 25.54 15.14
N ASP A 360 -1.51 25.29 16.03
CA ASP A 360 -2.91 25.14 15.63
C ASP A 360 -3.43 26.43 15.03
N GLU A 361 -3.20 27.56 15.71
CA GLU A 361 -3.63 28.86 15.22
C GLU A 361 -3.03 29.15 13.84
N ALA A 362 -1.70 29.12 13.76
CA ALA A 362 -1.02 29.45 12.50
C ALA A 362 -1.51 28.58 11.36
N LEU A 363 -1.69 27.29 11.59
CA LEU A 363 -2.13 26.39 10.52
C LEU A 363 -3.61 26.55 10.22
N LYS A 364 -4.42 26.97 11.19
CA LYS A 364 -5.83 27.23 10.91
C LYS A 364 -5.97 28.39 9.93
N ASP A 365 -5.34 29.53 10.24
CA ASP A 365 -5.34 30.65 9.31
C ASP A 365 -4.87 30.21 7.92
N ALA A 366 -3.69 29.59 7.85
CA ALA A 366 -3.11 29.24 6.57
C ALA A 366 -4.05 28.36 5.74
N GLN A 367 -4.61 27.31 6.36
CA GLN A 367 -5.54 26.45 5.64
C GLN A 367 -6.66 27.26 5.00
N THR A 368 -7.25 28.18 5.78
CA THR A 368 -8.38 28.96 5.27
C THR A 368 -7.93 29.89 4.14
N ARG A 369 -6.80 30.57 4.33
CA ARG A 369 -6.30 31.50 3.32
C ARG A 369 -5.91 30.79 2.04
N ILE A 370 -5.59 29.50 2.10
CA ILE A 370 -5.28 28.76 0.89
C ILE A 370 -6.56 28.25 0.23
N THR A 371 -7.56 27.90 1.04
CA THR A 371 -8.84 27.43 0.54
C THR A 371 -9.83 28.56 0.27
N LYS A 372 -9.39 29.81 0.41
CA LYS A 372 -10.24 30.97 0.14
C LYS A 372 -11.03 30.80 -1.16
N LEU B 9 19.52 -13.90 -14.17
CA LEU B 9 18.38 -13.88 -13.26
C LEU B 9 17.17 -14.56 -13.89
N VAL B 10 16.79 -15.71 -13.33
CA VAL B 10 15.61 -16.44 -13.75
C VAL B 10 14.53 -16.28 -12.68
N ILE B 11 13.28 -16.16 -13.13
CA ILE B 11 12.16 -15.93 -12.23
C ILE B 11 11.02 -16.84 -12.62
N TRP B 12 10.29 -17.34 -11.61
CA TRP B 12 9.14 -18.21 -11.81
C TRP B 12 7.91 -17.56 -11.21
N ILE B 13 6.82 -17.57 -11.98
CA ILE B 13 5.54 -17.03 -11.53
C ILE B 13 4.44 -17.85 -12.20
N ASN B 14 3.30 -17.95 -11.53
CA ASN B 14 2.21 -18.78 -12.03
C ASN B 14 1.63 -18.17 -13.31
N GLY B 15 1.08 -19.05 -14.15
CA GLY B 15 0.60 -18.64 -15.47
C GLY B 15 -0.66 -17.82 -15.47
N ASP B 16 -1.40 -17.81 -14.36
CA ASP B 16 -2.63 -17.04 -14.28
C ASP B 16 -2.41 -15.67 -13.65
N LYS B 17 -1.16 -15.27 -13.46
CA LYS B 17 -0.82 -13.94 -12.96
C LYS B 17 -0.14 -13.14 -14.06
N GLY B 18 0.17 -11.89 -13.75
CA GLY B 18 0.71 -10.97 -14.73
C GLY B 18 2.18 -11.16 -15.00
N TYR B 19 2.54 -12.24 -15.69
CA TYR B 19 3.95 -12.51 -15.97
C TYR B 19 4.47 -11.68 -17.13
N ASN B 20 3.60 -11.27 -18.06
CA ASN B 20 4.03 -10.38 -19.13
C ASN B 20 4.43 -9.02 -18.58
N GLY B 21 3.60 -8.45 -17.70
CA GLY B 21 3.97 -7.22 -17.05
C GLY B 21 5.20 -7.37 -16.19
N LEU B 22 5.36 -8.53 -15.54
CA LEU B 22 6.56 -8.80 -14.76
C LEU B 22 7.79 -8.82 -15.67
N ALA B 23 7.67 -9.46 -16.83
CA ALA B 23 8.72 -9.39 -17.83
C ALA B 23 9.01 -7.94 -18.23
N GLU B 24 7.98 -7.08 -18.26
CA GLU B 24 8.19 -5.67 -18.54
C GLU B 24 9.01 -5.01 -17.44
N VAL B 25 8.71 -5.32 -16.18
CA VAL B 25 9.52 -4.81 -15.08
C VAL B 25 10.95 -5.34 -15.19
N GLY B 26 11.10 -6.60 -15.60
CA GLY B 26 12.42 -7.16 -15.79
C GLY B 26 13.17 -6.49 -16.92
N LYS B 27 12.48 -6.16 -18.01
CA LYS B 27 13.12 -5.47 -19.12
C LYS B 27 13.63 -4.10 -18.70
N LYS B 28 12.83 -3.37 -17.90
CA LYS B 28 13.29 -2.10 -17.37
C LYS B 28 14.49 -2.29 -16.45
N PHE B 29 14.44 -3.32 -15.59
CA PHE B 29 15.56 -3.58 -14.69
C PHE B 29 16.84 -3.85 -15.48
N GLU B 30 16.75 -4.65 -16.54
CA GLU B 30 17.92 -4.94 -17.36
C GLU B 30 18.52 -3.64 -17.93
N LYS B 31 17.70 -2.87 -18.65
CA LYS B 31 18.17 -1.65 -19.29
C LYS B 31 18.50 -0.57 -18.27
N GLY B 34 21.80 -3.82 -16.75
CA GLY B 34 22.38 -4.66 -17.77
C GLY B 34 22.29 -6.14 -17.46
N ILE B 35 21.53 -6.48 -16.43
CA ILE B 35 21.41 -7.86 -15.96
C ILE B 35 20.17 -8.47 -16.60
N LYS B 36 20.38 -9.46 -17.46
CA LYS B 36 19.29 -10.13 -18.14
C LYS B 36 18.33 -10.75 -17.13
N VAL B 37 17.04 -10.64 -17.41
CA VAL B 37 15.99 -11.26 -16.59
C VAL B 37 15.10 -12.08 -17.51
N THR B 38 14.78 -13.30 -17.09
CA THR B 38 13.88 -14.17 -17.84
C THR B 38 12.80 -14.65 -16.91
N VAL B 39 11.56 -14.26 -17.20
CA VAL B 39 10.41 -14.69 -16.41
C VAL B 39 9.79 -15.92 -17.06
N GLU B 40 9.56 -16.95 -16.26
CA GLU B 40 8.97 -18.19 -16.73
C GLU B 40 7.78 -18.55 -15.85
N HIS B 41 6.90 -19.38 -16.40
CA HIS B 41 5.69 -19.81 -15.70
C HIS B 41 5.46 -21.29 -15.98
N PRO B 42 6.27 -22.16 -15.37
CA PRO B 42 6.09 -23.59 -15.56
C PRO B 42 4.93 -24.13 -14.74
N ASP B 43 4.25 -25.13 -15.30
CA ASP B 43 3.11 -25.72 -14.60
C ASP B 43 3.58 -26.36 -13.29
N LYS B 44 2.76 -26.21 -12.25
CA LYS B 44 3.07 -26.78 -10.95
C LYS B 44 4.45 -26.34 -10.47
N LEU B 45 4.74 -25.05 -10.65
CA LEU B 45 6.05 -24.54 -10.26
C LEU B 45 6.27 -24.67 -8.76
N GLU B 46 5.18 -24.68 -7.98
CA GLU B 46 5.32 -24.84 -6.53
C GLU B 46 5.74 -26.27 -6.18
N GLU B 47 5.45 -27.24 -7.06
CA GLU B 47 5.98 -28.60 -6.92
C GLU B 47 7.33 -28.77 -7.59
N LYS B 48 7.64 -27.92 -8.57
CA LYS B 48 8.88 -28.04 -9.32
C LYS B 48 10.06 -27.47 -8.54
N PHE B 49 9.84 -26.36 -7.83
CA PHE B 49 10.93 -25.68 -7.12
C PHE B 49 11.64 -26.58 -6.14
N PRO B 50 10.96 -27.21 -5.17
CA PRO B 50 11.68 -28.10 -4.24
C PRO B 50 12.33 -29.28 -4.92
N GLN B 51 11.78 -29.76 -6.03
CA GLN B 51 12.43 -30.80 -6.80
C GLN B 51 13.73 -30.32 -7.43
N VAL B 52 13.81 -29.05 -7.76
CA VAL B 52 14.84 -28.55 -8.68
C VAL B 52 15.81 -27.58 -8.02
N ALA B 53 15.51 -27.04 -6.86
CA ALA B 53 16.42 -26.11 -6.19
C ALA B 53 17.67 -26.83 -5.70
N GLY B 56 20.26 -26.50 -10.61
CA GLY B 56 20.20 -26.69 -12.05
C GLY B 56 19.16 -25.79 -12.71
N ASP B 57 17.89 -26.09 -12.45
CA ASP B 57 16.78 -25.33 -13.02
C ASP B 57 16.30 -24.20 -12.12
N GLY B 58 16.59 -24.26 -10.82
CA GLY B 58 16.01 -23.34 -9.87
C GLY B 58 16.03 -21.91 -10.35
N PRO B 59 14.92 -21.20 -10.20
CA PRO B 59 14.93 -19.77 -10.50
C PRO B 59 15.65 -19.00 -9.41
N ASP B 60 15.99 -17.74 -9.73
CA ASP B 60 16.51 -16.86 -8.69
C ASP B 60 15.40 -16.38 -7.78
N ILE B 61 14.22 -16.11 -8.35
CA ILE B 61 13.04 -15.71 -7.60
C ILE B 61 11.91 -16.68 -7.91
N ILE B 62 11.12 -17.00 -6.89
CA ILE B 62 9.91 -17.81 -7.05
C ILE B 62 8.73 -17.01 -6.51
N PHE B 63 7.70 -16.84 -7.33
CA PHE B 63 6.49 -16.14 -6.95
C PHE B 63 5.39 -17.16 -6.63
N TRP B 64 4.78 -17.02 -5.47
CA TRP B 64 3.70 -17.91 -5.07
C TRP B 64 3.06 -17.36 -3.81
N ALA B 65 1.88 -17.88 -3.49
CA ALA B 65 1.24 -17.57 -2.22
C ALA B 65 2.10 -18.05 -1.06
N HIS B 66 2.07 -17.30 0.03
CA HIS B 66 2.97 -17.52 1.15
C HIS B 66 2.83 -18.89 1.78
N ASP B 67 1.69 -19.57 1.59
CA ASP B 67 1.42 -20.80 2.35
C ASP B 67 2.54 -21.82 2.18
N ARG B 68 3.09 -21.94 0.98
CA ARG B 68 4.11 -22.95 0.72
C ARG B 68 5.53 -22.49 1.04
N PHE B 69 5.73 -21.23 1.37
CA PHE B 69 7.09 -20.72 1.56
C PHE B 69 7.69 -21.18 2.88
N GLY B 70 6.87 -21.39 3.90
CA GLY B 70 7.39 -21.89 5.16
C GLY B 70 7.97 -23.29 5.02
N GLY B 71 7.31 -24.14 4.22
CA GLY B 71 7.87 -25.45 3.93
C GLY B 71 9.22 -25.33 3.22
N TYR B 72 9.30 -24.43 2.24
CA TYR B 72 10.57 -24.19 1.56
C TYR B 72 11.63 -23.72 2.54
N ALA B 73 11.25 -22.91 3.54
CA ALA B 73 12.21 -22.39 4.50
C ALA B 73 12.63 -23.45 5.50
N GLN B 74 11.71 -24.32 5.93
CA GLN B 74 12.08 -25.42 6.79
C GLN B 74 13.04 -26.37 6.08
N SER B 75 12.79 -26.61 4.79
CA SER B 75 13.71 -27.39 3.98
C SER B 75 15.02 -26.65 3.69
N GLY B 76 15.10 -25.37 4.02
CA GLY B 76 16.31 -24.60 3.78
C GLY B 76 16.47 -24.09 2.36
N LEU B 77 15.41 -24.06 1.58
CA LEU B 77 15.51 -23.69 0.17
C LEU B 77 15.43 -22.19 -0.06
N LEU B 78 15.20 -21.39 0.98
CA LEU B 78 15.01 -19.95 0.83
C LEU B 78 16.04 -19.19 1.64
N ALA B 79 16.53 -18.09 1.07
CA ALA B 79 17.39 -17.18 1.79
C ALA B 79 16.54 -16.20 2.59
N GLU B 80 17.10 -15.72 3.70
CA GLU B 80 16.43 -14.72 4.51
C GLU B 80 16.59 -13.35 3.85
N ILE B 81 15.49 -12.65 3.66
CA ILE B 81 15.54 -11.30 3.13
C ILE B 81 15.93 -10.34 4.25
N THR B 82 16.58 -9.25 3.87
CA THR B 82 17.16 -8.34 4.86
C THR B 82 16.66 -6.92 4.67
N PRO B 83 15.36 -6.70 4.45
CA PRO B 83 14.88 -5.33 4.26
C PRO B 83 15.06 -4.51 5.53
N ASP B 84 15.43 -3.24 5.34
CA ASP B 84 15.57 -2.33 6.46
C ASP B 84 14.20 -1.82 6.89
N LYS B 85 14.17 -1.10 8.01
CA LYS B 85 12.91 -0.56 8.50
C LYS B 85 12.29 0.39 7.48
N ALA B 86 13.10 1.26 6.88
CA ALA B 86 12.57 2.20 5.89
C ALA B 86 11.79 1.47 4.80
N PHE B 87 12.30 0.32 4.36
CA PHE B 87 11.60 -0.43 3.32
C PHE B 87 10.47 -1.28 3.90
N GLN B 88 10.70 -1.91 5.05
CA GLN B 88 9.63 -2.67 5.68
C GLN B 88 8.45 -1.76 6.02
N ASP B 89 8.74 -0.53 6.43
CA ASP B 89 7.69 0.42 6.75
C ASP B 89 6.86 0.82 5.54
N LYS B 90 7.33 0.52 4.32
CA LYS B 90 6.57 0.85 3.12
C LYS B 90 5.47 -0.15 2.83
N LEU B 91 5.52 -1.34 3.43
CA LEU B 91 4.53 -2.37 3.20
C LEU B 91 3.77 -2.65 4.49
N TYR B 92 2.53 -3.09 4.36
CA TYR B 92 1.68 -3.30 5.52
C TYR B 92 2.30 -4.37 6.43
N PRO B 93 2.30 -4.15 7.74
CA PRO B 93 2.88 -5.17 8.65
C PRO B 93 2.36 -6.59 8.43
N PHE B 94 1.04 -6.77 8.36
CA PHE B 94 0.51 -8.13 8.32
C PHE B 94 0.93 -8.87 7.05
N THR B 95 1.37 -8.15 6.03
CA THR B 95 1.93 -8.83 4.86
C THR B 95 3.31 -9.42 5.20
N TRP B 96 4.09 -8.71 6.02
CA TRP B 96 5.37 -9.26 6.48
C TRP B 96 5.16 -10.46 7.37
N ASP B 97 4.11 -10.45 8.20
CA ASP B 97 3.83 -11.59 9.06
C ASP B 97 3.51 -12.85 8.27
N ALA B 98 2.92 -12.69 7.08
CA ALA B 98 2.58 -13.84 6.25
C ALA B 98 3.80 -14.47 5.62
N VAL B 99 4.88 -13.71 5.46
CA VAL B 99 6.13 -14.21 4.91
C VAL B 99 7.18 -14.35 6.01
N ARG B 100 6.74 -14.48 7.26
CA ARG B 100 7.64 -14.63 8.40
C ARG B 100 7.60 -16.09 8.85
N TYR B 101 8.78 -16.70 8.97
CA TYR B 101 8.90 -18.07 9.42
C TYR B 101 9.96 -18.15 10.50
N ASN B 102 9.58 -18.61 11.68
CA ASN B 102 10.50 -18.71 12.82
C ASN B 102 11.23 -17.38 13.03
N GLY B 103 10.44 -16.30 13.10
CA GLY B 103 10.96 -14.99 13.41
C GLY B 103 11.71 -14.31 12.29
N LYS B 104 11.94 -14.99 11.18
CA LYS B 104 12.75 -14.46 10.08
C LYS B 104 11.87 -14.21 8.86
N LEU B 105 12.13 -13.11 8.16
CA LEU B 105 11.45 -12.81 6.91
C LEU B 105 12.09 -13.63 5.78
N ILE B 106 11.28 -14.45 5.12
CA ILE B 106 11.77 -15.40 4.12
C ILE B 106 11.27 -15.10 2.72
N ALA B 107 10.57 -13.99 2.51
CA ALA B 107 10.03 -13.68 1.19
C ALA B 107 9.57 -12.23 1.20
N TYR B 108 9.35 -11.69 0.00
CA TYR B 108 8.85 -10.34 -0.16
C TYR B 108 7.35 -10.37 -0.39
N PRO B 109 6.54 -9.63 0.38
CA PRO B 109 5.11 -9.60 0.12
C PRO B 109 4.77 -8.65 -1.03
N ILE B 110 3.81 -9.05 -1.86
CA ILE B 110 3.46 -8.35 -3.08
C ILE B 110 1.98 -7.98 -3.12
N ALA B 111 1.10 -8.96 -2.94
CA ALA B 111 -0.33 -8.72 -3.05
C ALA B 111 -1.11 -9.73 -2.23
N VAL B 112 -2.23 -9.28 -1.67
CA VAL B 112 -3.12 -10.11 -0.86
C VAL B 112 -4.28 -10.56 -1.73
N GLU B 113 -4.54 -11.86 -1.74
CA GLU B 113 -5.50 -12.48 -2.64
C GLU B 113 -6.61 -13.17 -1.87
N ALA B 114 -7.84 -13.05 -2.38
CA ALA B 114 -9.00 -13.72 -1.81
C ALA B 114 -10.01 -13.97 -2.91
N LEU B 115 -10.77 -15.05 -2.76
CA LEU B 115 -11.80 -15.39 -3.72
C LEU B 115 -13.06 -14.55 -3.49
N SER B 116 -13.73 -14.20 -4.59
CA SER B 116 -14.98 -13.47 -4.54
C SER B 116 -15.98 -14.13 -5.49
N LEU B 117 -17.24 -13.78 -5.30
CA LEU B 117 -18.28 -14.23 -6.21
C LEU B 117 -18.36 -13.26 -7.40
N ILE B 118 -18.36 -13.82 -8.60
CA ILE B 118 -18.39 -13.04 -9.83
C ILE B 118 -19.60 -13.50 -10.63
N TYR B 119 -20.48 -12.56 -10.96
CA TYR B 119 -21.74 -12.87 -11.62
C TYR B 119 -21.94 -11.96 -12.81
N ASN B 120 -22.70 -12.46 -13.79
CA ASN B 120 -23.03 -11.69 -14.99
C ASN B 120 -24.35 -10.96 -14.73
N LYS B 121 -24.27 -9.62 -14.63
CA LYS B 121 -25.45 -8.84 -14.30
C LYS B 121 -26.53 -8.91 -15.37
N ASP B 122 -26.16 -9.23 -16.62
CA ASP B 122 -27.17 -9.36 -17.66
C ASP B 122 -28.01 -10.62 -17.46
N LEU B 123 -27.40 -11.69 -16.98
CA LEU B 123 -28.16 -12.88 -16.61
C LEU B 123 -28.69 -12.81 -15.19
N LEU B 124 -28.01 -12.06 -14.32
CA LEU B 124 -28.29 -12.10 -12.88
C LEU B 124 -28.08 -10.72 -12.31
N PRO B 125 -29.01 -9.79 -12.55
CA PRO B 125 -28.89 -8.46 -11.97
C PRO B 125 -28.75 -8.49 -10.45
N ASN B 126 -29.40 -9.45 -9.81
CA ASN B 126 -29.31 -9.63 -8.36
C ASN B 126 -28.65 -10.98 -8.09
N PRO B 127 -27.44 -11.03 -7.54
CA PRO B 127 -26.83 -12.31 -7.26
C PRO B 127 -27.44 -12.96 -6.02
N PRO B 128 -27.48 -14.28 -5.95
CA PRO B 128 -27.95 -14.93 -4.73
C PRO B 128 -26.98 -14.71 -3.59
N LYS B 129 -27.52 -14.72 -2.36
CA LYS B 129 -26.73 -14.47 -1.18
C LYS B 129 -26.36 -15.75 -0.42
N THR B 130 -26.96 -16.88 -0.77
CA THR B 130 -26.75 -18.13 -0.06
C THR B 130 -26.47 -19.24 -1.06
N TRP B 131 -25.73 -20.26 -0.60
CA TRP B 131 -25.42 -21.39 -1.45
C TRP B 131 -26.66 -22.21 -1.78
N GLU B 132 -27.67 -22.18 -0.90
CA GLU B 132 -28.87 -22.96 -1.14
C GLU B 132 -29.65 -22.45 -2.35
N GLU B 133 -29.43 -21.20 -2.76
CA GLU B 133 -30.17 -20.63 -3.89
C GLU B 133 -29.69 -21.19 -5.22
N ILE B 134 -28.43 -21.59 -5.32
CA ILE B 134 -27.87 -22.01 -6.61
C ILE B 134 -28.70 -23.14 -7.21
N PHE B 135 -29.19 -24.05 -6.38
CA PHE B 135 -29.95 -25.19 -6.89
C PHE B 135 -31.17 -24.72 -7.67
N ALA B 136 -32.09 -24.03 -6.99
CA ALA B 136 -33.26 -23.50 -7.68
C ALA B 136 -32.86 -22.55 -8.80
N LEU B 137 -31.82 -21.74 -8.56
CA LEU B 137 -31.32 -20.84 -9.59
C LEU B 137 -30.94 -21.61 -10.85
N ASP B 138 -30.26 -22.74 -10.68
CA ASP B 138 -29.81 -23.51 -11.84
C ASP B 138 -31.00 -24.06 -12.63
N LYS B 139 -32.10 -24.37 -11.96
CA LYS B 139 -33.30 -24.82 -12.67
C LYS B 139 -33.86 -23.71 -13.55
N GLU B 140 -33.73 -22.45 -13.13
N GLU B 140 -33.71 -22.46 -13.12
CA GLU B 140 -34.24 -21.34 -13.92
CA GLU B 140 -34.21 -21.32 -13.88
C GLU B 140 -33.34 -21.00 -15.09
C GLU B 140 -33.34 -20.99 -15.07
N LEU B 141 -32.04 -21.25 -14.98
CA LEU B 141 -31.10 -20.88 -16.03
C LEU B 141 -30.92 -21.96 -17.09
N LYS B 142 -31.14 -23.22 -16.74
CA LYS B 142 -30.97 -24.28 -17.73
C LYS B 142 -32.08 -24.28 -18.78
N ALA B 143 -33.25 -23.75 -18.45
CA ALA B 143 -34.28 -23.55 -19.47
C ALA B 143 -33.80 -22.57 -20.53
N LYS B 144 -32.94 -21.62 -20.16
CA LYS B 144 -32.33 -20.69 -21.09
C LYS B 144 -31.04 -21.24 -21.71
N GLY B 145 -30.72 -22.51 -21.46
CA GLY B 145 -29.51 -23.11 -21.98
C GLY B 145 -28.25 -22.73 -21.25
N LYS B 146 -28.35 -22.25 -20.02
CA LYS B 146 -27.22 -21.75 -19.25
C LYS B 146 -27.11 -22.51 -17.93
N SER B 147 -26.16 -22.08 -17.11
CA SER B 147 -25.92 -22.67 -15.81
C SER B 147 -25.79 -21.55 -14.78
N ALA B 148 -25.95 -21.93 -13.52
CA ALA B 148 -25.89 -20.95 -12.44
C ALA B 148 -24.45 -20.61 -12.07
N LEU B 149 -23.63 -21.64 -11.81
CA LEU B 149 -22.28 -21.43 -11.31
C LEU B 149 -21.32 -22.44 -11.93
N MET B 150 -20.11 -21.98 -12.20
CA MET B 150 -19.05 -22.83 -12.73
C MET B 150 -17.73 -22.28 -12.24
N PHE B 151 -16.97 -23.10 -11.52
CA PHE B 151 -15.67 -22.70 -11.00
C PHE B 151 -14.78 -23.94 -10.91
N ASN B 152 -13.52 -23.71 -10.53
CA ASN B 152 -12.51 -24.76 -10.55
C ASN B 152 -12.76 -25.76 -9.41
N LEU B 153 -13.16 -26.98 -9.77
CA LEU B 153 -13.39 -28.04 -8.80
C LEU B 153 -12.21 -28.98 -8.64
N GLN B 154 -11.17 -28.85 -9.46
CA GLN B 154 -10.01 -29.73 -9.35
C GLN B 154 -9.02 -29.25 -8.30
N GLU B 155 -9.11 -27.98 -7.88
CA GLU B 155 -8.21 -27.41 -6.90
C GLU B 155 -9.01 -27.03 -5.66
N PRO B 156 -8.69 -27.55 -4.47
CA PRO B 156 -9.50 -27.23 -3.29
C PRO B 156 -9.46 -25.78 -2.85
N TYR B 157 -8.58 -24.96 -3.42
CA TYR B 157 -8.56 -23.54 -3.10
C TYR B 157 -9.94 -22.91 -3.28
N PHE B 158 -10.70 -23.40 -4.25
CA PHE B 158 -11.98 -22.79 -4.62
C PHE B 158 -13.16 -23.38 -3.86
N THR B 159 -13.07 -24.66 -3.49
CA THR B 159 -14.12 -25.28 -2.69
C THR B 159 -13.95 -25.06 -1.20
N TRP B 160 -12.74 -24.71 -0.76
CA TRP B 160 -12.49 -24.52 0.65
C TRP B 160 -13.36 -23.44 1.29
N PRO B 161 -13.60 -22.28 0.68
CA PRO B 161 -14.44 -21.27 1.35
C PRO B 161 -15.80 -21.80 1.78
N LEU B 162 -16.39 -22.71 1.00
CA LEU B 162 -17.65 -23.33 1.40
C LEU B 162 -17.45 -24.38 2.49
N ILE B 163 -16.38 -25.17 2.39
CA ILE B 163 -16.15 -26.22 3.37
C ILE B 163 -15.88 -25.61 4.75
N ALA B 164 -15.19 -24.47 4.79
CA ALA B 164 -14.86 -23.83 6.04
C ALA B 164 -15.96 -22.91 6.55
N ALA B 165 -17.02 -22.70 5.77
CA ALA B 165 -18.07 -21.78 6.19
C ALA B 165 -18.71 -22.24 7.50
N ASP B 166 -19.28 -23.45 7.50
CA ASP B 166 -19.96 -23.97 8.67
C ASP B 166 -19.01 -24.41 9.77
N GLY B 167 -17.72 -24.58 9.49
CA GLY B 167 -16.77 -24.97 10.52
C GLY B 167 -15.43 -25.52 10.08
N GLY B 168 -15.30 -25.98 8.84
CA GLY B 168 -14.04 -26.56 8.40
C GLY B 168 -12.89 -25.60 8.60
N TYR B 169 -11.72 -26.16 8.90
CA TYR B 169 -10.49 -25.38 8.98
C TYR B 169 -9.32 -26.32 8.78
N ALA B 170 -8.14 -25.72 8.57
CA ALA B 170 -6.92 -26.49 8.31
C ALA B 170 -6.18 -26.78 9.61
N PHE B 171 -5.56 -25.76 10.20
CA PHE B 171 -4.85 -25.89 11.47
C PHE B 171 -5.29 -24.74 12.37
N LYS B 172 -5.72 -25.07 13.59
CA LYS B 172 -6.25 -24.06 14.49
C LYS B 172 -5.18 -23.06 14.90
N TYR B 173 -5.58 -21.79 14.94
CA TYR B 173 -4.71 -20.67 15.30
C TYR B 173 -5.09 -20.21 16.69
N GLU B 174 -4.17 -20.36 17.64
CA GLU B 174 -4.42 -20.04 19.03
C GLU B 174 -3.30 -19.15 19.56
N ASN B 175 -3.69 -18.04 20.18
CA ASN B 175 -2.77 -17.15 20.89
C ASN B 175 -1.50 -16.88 20.08
N GLY B 176 -1.60 -16.89 18.76
CA GLY B 176 -0.48 -16.53 17.91
C GLY B 176 0.13 -17.68 17.14
N LYS B 177 -0.19 -18.93 17.50
CA LYS B 177 0.46 -20.09 16.92
C LYS B 177 -0.56 -21.07 16.35
N TYR B 178 -0.07 -21.94 15.48
CA TYR B 178 -0.88 -22.99 14.86
C TYR B 178 -0.64 -24.32 15.56
N ASP B 179 -1.72 -24.93 16.04
CA ASP B 179 -1.67 -26.30 16.53
C ASP B 179 -1.67 -27.25 15.33
N ILE B 180 -0.59 -28.02 15.19
CA ILE B 180 -0.51 -28.96 14.06
C ILE B 180 -1.32 -30.23 14.29
N LYS B 181 -1.78 -30.48 15.51
CA LYS B 181 -2.60 -31.65 15.79
C LYS B 181 -4.09 -31.35 15.76
N ASP B 182 -4.47 -30.08 15.80
CA ASP B 182 -5.87 -29.67 15.74
C ASP B 182 -6.20 -29.34 14.29
N VAL B 183 -6.70 -30.34 13.56
CA VAL B 183 -7.04 -30.21 12.15
C VAL B 183 -8.55 -30.25 12.03
N GLY B 184 -9.13 -29.27 11.32
CA GLY B 184 -10.57 -29.17 11.19
C GLY B 184 -11.08 -29.63 9.85
N VAL B 185 -10.47 -30.69 9.32
CA VAL B 185 -10.86 -31.22 8.02
C VAL B 185 -11.94 -32.28 8.15
N ASP B 186 -12.13 -32.86 9.32
CA ASP B 186 -13.10 -33.92 9.53
C ASP B 186 -14.32 -33.47 10.33
N ASN B 187 -14.35 -32.22 10.78
CA ASN B 187 -15.43 -31.75 11.64
C ASN B 187 -16.74 -31.71 10.86
N ALA B 188 -17.81 -31.33 11.58
CA ALA B 188 -19.14 -31.33 10.99
C ALA B 188 -19.27 -30.23 9.94
N GLY B 189 -18.70 -29.06 10.21
CA GLY B 189 -18.78 -27.96 9.26
C GLY B 189 -18.27 -28.36 7.89
N ALA B 190 -17.12 -29.04 7.86
CA ALA B 190 -16.57 -29.47 6.58
C ALA B 190 -17.43 -30.53 5.94
N LYS B 191 -18.02 -31.42 6.74
CA LYS B 191 -18.92 -32.44 6.19
C LYS B 191 -20.15 -31.80 5.56
N ALA B 192 -20.69 -30.75 6.19
CA ALA B 192 -21.84 -30.07 5.61
C ALA B 192 -21.45 -29.37 4.31
N GLY B 193 -20.37 -28.57 4.36
CA GLY B 193 -19.92 -27.89 3.15
C GLY B 193 -19.69 -28.85 2.00
N LEU B 194 -18.90 -29.90 2.23
CA LEU B 194 -18.60 -30.84 1.15
C LEU B 194 -19.81 -31.65 0.77
N THR B 195 -20.74 -31.88 1.71
CA THR B 195 -21.97 -32.57 1.38
C THR B 195 -22.82 -31.73 0.44
N ALA B 196 -22.96 -30.43 0.73
CA ALA B 196 -23.67 -29.53 -0.16
C ALA B 196 -23.11 -29.59 -1.56
N LEU B 197 -21.78 -29.50 -1.68
CA LEU B 197 -21.14 -29.56 -2.98
C LEU B 197 -21.43 -30.88 -3.67
N VAL B 198 -21.26 -31.99 -2.97
CA VAL B 198 -21.51 -33.30 -3.56
C VAL B 198 -22.98 -33.44 -3.95
N TYR B 199 -23.88 -32.75 -3.22
CA TYR B 199 -25.29 -32.82 -3.56
C TYR B 199 -25.57 -32.10 -4.87
N LEU B 200 -24.98 -30.92 -5.05
CA LEU B 200 -25.07 -30.22 -6.32
C LEU B 200 -24.53 -31.04 -7.48
N ILE B 201 -23.52 -31.87 -7.23
CA ILE B 201 -22.95 -32.69 -8.30
C ILE B 201 -23.88 -33.85 -8.63
N ALA B 202 -24.31 -34.60 -7.61
CA ALA B 202 -25.18 -35.74 -7.84
C ALA B 202 -26.49 -35.32 -8.49
N ALA B 203 -26.95 -34.09 -8.21
CA ALA B 203 -28.15 -33.55 -8.85
C ALA B 203 -27.88 -33.06 -10.27
N LYS B 204 -26.66 -33.22 -10.79
CA LYS B 204 -26.29 -32.81 -12.14
C LYS B 204 -26.40 -31.31 -12.33
N ALA B 205 -26.31 -30.52 -11.25
CA ALA B 205 -26.22 -29.08 -11.37
C ALA B 205 -24.80 -28.59 -11.63
N MET B 206 -23.79 -29.38 -11.26
CA MET B 206 -22.41 -29.10 -11.62
C MET B 206 -21.74 -30.40 -12.05
N ASN B 207 -20.66 -30.27 -12.82
CA ASN B 207 -19.84 -31.39 -13.24
C ASN B 207 -18.53 -31.38 -12.47
N ALA B 208 -18.10 -32.57 -12.03
CA ALA B 208 -16.89 -32.69 -11.23
C ALA B 208 -15.63 -32.40 -12.03
N ASP B 209 -15.68 -32.61 -13.35
CA ASP B 209 -14.53 -32.35 -14.21
C ASP B 209 -14.33 -30.89 -14.53
N THR B 210 -15.06 -30.00 -13.87
CA THR B 210 -14.89 -28.57 -14.10
C THR B 210 -13.57 -28.10 -13.53
N ASP B 211 -12.75 -27.46 -14.37
CA ASP B 211 -11.47 -26.92 -13.98
C ASP B 211 -11.45 -25.41 -14.23
N TYR B 212 -10.29 -24.80 -14.03
CA TYR B 212 -10.16 -23.35 -14.19
C TYR B 212 -10.48 -22.92 -15.62
N SER B 213 -9.90 -23.62 -16.61
CA SER B 213 -10.10 -23.26 -18.01
C SER B 213 -11.57 -23.38 -18.39
N ILE B 214 -12.20 -24.50 -18.02
CA ILE B 214 -13.60 -24.71 -18.37
C ILE B 214 -14.47 -23.63 -17.73
N ALA B 215 -14.24 -23.34 -16.45
CA ALA B 215 -15.06 -22.36 -15.74
C ALA B 215 -14.84 -20.95 -16.29
N GLU B 216 -13.58 -20.58 -16.56
CA GLU B 216 -13.31 -19.24 -17.08
C GLU B 216 -13.91 -19.05 -18.45
N ALA B 217 -13.79 -20.05 -19.33
CA ALA B 217 -14.41 -19.98 -20.65
C ALA B 217 -15.92 -19.84 -20.53
N ALA B 218 -16.54 -20.67 -19.69
CA ALA B 218 -18.00 -20.64 -19.56
C ALA B 218 -18.47 -19.25 -19.15
N PHE B 219 -17.83 -18.64 -18.15
CA PHE B 219 -18.26 -17.32 -17.71
C PHE B 219 -17.97 -16.27 -18.77
N ASN B 220 -16.75 -16.25 -19.29
CA ASN B 220 -16.39 -15.28 -20.32
C ASN B 220 -17.16 -15.48 -21.61
N LYS B 221 -17.89 -16.59 -21.74
CA LYS B 221 -18.76 -16.84 -22.88
C LYS B 221 -20.22 -16.52 -22.60
N GLY B 222 -20.53 -16.01 -21.41
CA GLY B 222 -21.91 -15.72 -21.07
C GLY B 222 -22.79 -16.96 -21.01
N GLU B 223 -22.20 -18.12 -20.73
CA GLU B 223 -22.96 -19.36 -20.64
C GLU B 223 -23.38 -19.71 -19.22
N THR B 224 -22.76 -19.10 -18.21
CA THR B 224 -23.08 -19.36 -16.82
C THR B 224 -23.11 -18.04 -16.08
N ALA B 225 -24.07 -17.90 -15.17
CA ALA B 225 -24.32 -16.62 -14.53
C ALA B 225 -23.33 -16.29 -13.43
N MET B 226 -22.54 -17.25 -12.96
CA MET B 226 -21.63 -17.00 -11.84
C MET B 226 -20.35 -17.80 -12.00
N THR B 227 -19.33 -17.36 -11.26
CA THR B 227 -18.09 -18.10 -11.13
C THR B 227 -17.41 -17.62 -9.85
N ILE B 228 -16.38 -18.37 -9.44
CA ILE B 228 -15.57 -18.04 -8.28
C ILE B 228 -14.14 -17.85 -8.74
N ASN B 229 -13.54 -16.72 -8.41
CA ASN B 229 -12.18 -16.45 -8.84
C ASN B 229 -11.65 -15.26 -8.05
N GLY B 230 -10.41 -14.86 -8.38
CA GLY B 230 -9.74 -13.79 -7.71
C GLY B 230 -9.36 -12.69 -8.67
N PRO B 231 -8.66 -11.67 -8.17
CA PRO B 231 -8.36 -10.50 -9.02
C PRO B 231 -7.78 -10.83 -10.39
N TRP B 232 -6.79 -11.72 -10.45
CA TRP B 232 -6.10 -12.01 -11.70
C TRP B 232 -7.04 -12.37 -12.84
N ALA B 233 -8.29 -12.74 -12.55
CA ALA B 233 -9.22 -13.16 -13.59
C ALA B 233 -10.00 -12.00 -14.19
N TRP B 234 -9.97 -10.82 -13.56
CA TRP B 234 -10.81 -9.71 -14.02
C TRP B 234 -10.43 -9.26 -15.42
N SER B 235 -9.14 -9.18 -15.72
CA SER B 235 -8.70 -8.71 -17.03
C SER B 235 -9.41 -9.45 -18.17
N ASN B 236 -9.44 -10.79 -18.10
CA ASN B 236 -10.01 -11.57 -19.20
C ASN B 236 -11.50 -11.33 -19.36
N ILE B 237 -12.21 -10.98 -18.29
CA ILE B 237 -13.65 -10.74 -18.43
C ILE B 237 -13.91 -9.34 -18.97
N ASP B 238 -13.09 -8.37 -18.57
CA ASP B 238 -13.22 -7.01 -19.11
C ASP B 238 -13.21 -7.04 -20.63
N THR B 239 -12.27 -7.76 -21.22
CA THR B 239 -12.16 -7.84 -22.67
C THR B 239 -13.24 -8.74 -23.28
N SER B 240 -14.00 -9.46 -22.46
CA SER B 240 -15.08 -10.29 -22.95
C SER B 240 -16.40 -9.54 -23.09
N LYS B 241 -16.41 -8.23 -22.81
CA LYS B 241 -17.61 -7.40 -22.93
C LYS B 241 -18.78 -8.01 -22.17
N VAL B 242 -18.49 -8.57 -21.01
CA VAL B 242 -19.51 -9.10 -20.12
C VAL B 242 -19.71 -8.11 -18.97
N ASN B 243 -20.96 -7.75 -18.70
CA ASN B 243 -21.29 -6.90 -17.57
C ASN B 243 -21.30 -7.77 -16.32
N TYR B 244 -20.24 -7.66 -15.53
CA TYR B 244 -20.03 -8.55 -14.40
C TYR B 244 -19.87 -7.74 -13.12
N GLY B 245 -20.15 -8.39 -12.00
CA GLY B 245 -19.94 -7.80 -10.69
C GLY B 245 -19.12 -8.72 -9.81
N VAL B 246 -18.23 -8.13 -9.03
CA VAL B 246 -17.41 -8.85 -8.06
C VAL B 246 -17.98 -8.56 -6.69
N THR B 247 -18.48 -9.60 -6.01
CA THR B 247 -19.21 -9.39 -4.77
C THR B 247 -18.87 -10.49 -3.78
N VAL B 248 -19.49 -10.38 -2.59
CA VAL B 248 -19.25 -11.34 -1.52
C VAL B 248 -19.69 -12.73 -1.94
N LEU B 249 -19.11 -13.73 -1.29
CA LEU B 249 -19.41 -15.12 -1.59
C LEU B 249 -20.72 -15.53 -0.93
N PRO B 250 -21.42 -16.53 -1.48
CA PRO B 250 -22.70 -16.94 -0.90
C PRO B 250 -22.51 -17.59 0.46
N THR B 251 -23.45 -17.33 1.35
CA THR B 251 -23.39 -17.91 2.69
C THR B 251 -23.75 -19.40 2.62
N PHE B 252 -23.48 -20.08 3.73
CA PHE B 252 -23.87 -21.49 3.88
C PHE B 252 -24.38 -21.69 5.30
N LYS B 253 -25.58 -22.22 5.42
CA LYS B 253 -26.25 -22.37 6.71
C LYS B 253 -26.28 -21.04 7.46
N GLY B 254 -26.44 -19.96 6.71
CA GLY B 254 -26.45 -18.63 7.25
C GLY B 254 -25.11 -18.06 7.66
N GLN B 255 -24.00 -18.85 7.54
CA GLN B 255 -22.70 -18.29 7.86
C GLN B 255 -21.93 -17.97 6.59
N PRO B 256 -21.10 -16.92 6.60
CA PRO B 256 -20.38 -16.56 5.38
C PRO B 256 -19.28 -17.56 5.06
N SER B 257 -18.99 -17.67 3.76
CA SER B 257 -17.85 -18.46 3.32
C SER B 257 -16.55 -17.84 3.81
N LYS B 258 -15.59 -18.70 4.16
CA LYS B 258 -14.31 -18.29 4.72
C LYS B 258 -13.21 -18.68 3.75
N PRO B 259 -12.88 -17.83 2.78
CA PRO B 259 -11.83 -18.16 1.82
C PRO B 259 -10.45 -18.02 2.44
N PHE B 260 -9.51 -18.81 1.93
CA PHE B 260 -8.13 -18.73 2.40
C PHE B 260 -7.47 -17.51 1.76
N VAL B 261 -6.98 -16.61 2.61
CA VAL B 261 -6.34 -15.38 2.15
C VAL B 261 -4.88 -15.70 1.88
N GLY B 262 -4.50 -15.66 0.60
CA GLY B 262 -3.11 -15.82 0.20
C GLY B 262 -2.42 -14.49 0.00
N VAL B 263 -1.10 -14.50 0.16
CA VAL B 263 -0.28 -13.30 -0.01
C VAL B 263 0.77 -13.65 -1.07
N LEU B 264 0.51 -13.26 -2.31
CA LEU B 264 1.50 -13.40 -3.38
C LEU B 264 2.83 -12.83 -2.93
N SER B 265 3.84 -13.69 -2.89
CA SER B 265 5.15 -13.31 -2.37
C SER B 265 6.25 -13.77 -3.32
N ALA B 266 7.41 -13.14 -3.18
CA ALA B 266 8.59 -13.46 -3.98
C ALA B 266 9.71 -13.89 -3.05
N GLY B 267 10.11 -15.15 -3.14
CA GLY B 267 11.18 -15.69 -2.33
C GLY B 267 12.44 -15.88 -3.15
N ILE B 268 13.60 -15.68 -2.50
CA ILE B 268 14.89 -15.82 -3.15
C ILE B 268 15.45 -17.20 -2.85
N ASN B 269 15.85 -17.91 -3.91
CA ASN B 269 16.46 -19.22 -3.75
C ASN B 269 17.73 -19.10 -2.93
N ALA B 270 17.92 -20.02 -1.99
CA ALA B 270 19.16 -20.03 -1.21
C ALA B 270 20.35 -20.31 -2.11
N ALA B 271 20.16 -21.12 -3.15
CA ALA B 271 21.20 -21.48 -4.10
C ALA B 271 21.45 -20.40 -5.15
N SER B 272 20.94 -19.19 -4.96
CA SER B 272 21.07 -18.16 -5.98
C SER B 272 22.40 -17.43 -5.83
N PRO B 273 23.26 -17.40 -6.85
CA PRO B 273 24.46 -16.55 -6.78
C PRO B 273 24.16 -15.06 -6.96
N ASN B 274 22.91 -14.69 -7.23
CA ASN B 274 22.55 -13.31 -7.54
C ASN B 274 21.59 -12.77 -6.50
N LYS B 275 21.95 -12.92 -5.22
CA LYS B 275 21.00 -12.63 -4.14
C LYS B 275 20.77 -11.14 -3.94
N GLU B 276 21.77 -10.31 -4.21
CA GLU B 276 21.54 -8.87 -4.10
C GLU B 276 21.03 -8.28 -5.40
N LEU B 277 21.37 -8.89 -6.54
CA LEU B 277 20.69 -8.53 -7.77
C LEU B 277 19.20 -8.85 -7.65
N ALA B 278 18.88 -9.98 -7.02
CA ALA B 278 17.48 -10.30 -6.72
C ALA B 278 16.88 -9.27 -5.77
N LYS B 279 17.60 -8.92 -4.71
CA LYS B 279 17.12 -7.89 -3.79
C LYS B 279 16.89 -6.58 -4.52
N GLU B 280 17.85 -6.17 -5.35
CA GLU B 280 17.72 -4.91 -6.09
C GLU B 280 16.45 -4.90 -6.93
N PHE B 281 16.18 -6.00 -7.64
CA PHE B 281 15.01 -6.05 -8.53
C PHE B 281 13.72 -5.98 -7.72
N LEU B 282 13.57 -6.84 -6.72
CA LEU B 282 12.32 -6.88 -5.96
C LEU B 282 12.08 -5.58 -5.19
N GLU B 283 13.12 -5.04 -4.57
CA GLU B 283 12.92 -3.89 -3.69
C GLU B 283 12.78 -2.58 -4.45
N ASN B 284 13.55 -2.38 -5.52
CA ASN B 284 13.67 -1.08 -6.16
C ASN B 284 13.14 -1.06 -7.59
N TYR B 285 12.54 -2.15 -8.06
CA TYR B 285 11.98 -2.16 -9.41
C TYR B 285 10.55 -2.71 -9.41
N LEU B 286 10.33 -3.82 -8.71
CA LEU B 286 9.01 -4.41 -8.67
C LEU B 286 8.11 -3.71 -7.65
N LEU B 287 8.59 -3.57 -6.42
CA LEU B 287 7.79 -2.96 -5.37
C LEU B 287 7.86 -1.43 -5.47
N THR B 288 7.56 -0.92 -6.66
CA THR B 288 7.40 0.51 -6.87
C THR B 288 6.09 0.72 -7.63
N ASP B 289 5.56 1.94 -7.53
CA ASP B 289 4.29 2.26 -8.19
C ASP B 289 4.30 1.82 -9.65
N GLU B 290 5.46 1.95 -10.31
CA GLU B 290 5.54 1.62 -11.74
C GLU B 290 5.65 0.12 -11.97
N GLY B 291 6.44 -0.57 -11.15
CA GLY B 291 6.55 -2.02 -11.29
C GLY B 291 5.25 -2.73 -10.99
N LEU B 292 4.58 -2.32 -9.92
CA LEU B 292 3.28 -2.91 -9.58
C LEU B 292 2.23 -2.54 -10.62
N GLU B 293 2.30 -1.31 -11.15
CA GLU B 293 1.38 -0.92 -12.22
C GLU B 293 1.55 -1.82 -13.43
N ALA B 294 2.79 -2.09 -13.84
CA ALA B 294 3.04 -2.92 -15.00
C ALA B 294 2.43 -4.31 -14.82
N VAL B 295 2.68 -4.95 -13.68
CA VAL B 295 2.13 -6.27 -13.45
C VAL B 295 0.61 -6.20 -13.31
N ASN B 296 0.11 -5.19 -12.61
CA ASN B 296 -1.34 -5.08 -12.40
C ASN B 296 -2.07 -4.88 -13.72
N LYS B 297 -1.49 -4.10 -14.63
CA LYS B 297 -2.12 -3.92 -15.94
C LYS B 297 -2.15 -5.21 -16.74
N ASP B 298 -1.21 -6.12 -16.47
CA ASP B 298 -1.21 -7.42 -17.13
C ASP B 298 -2.32 -8.31 -16.58
N LYS B 299 -2.30 -8.54 -15.26
CA LYS B 299 -3.37 -9.25 -14.60
C LYS B 299 -3.46 -8.64 -13.21
N PRO B 300 -4.66 -8.31 -12.71
CA PRO B 300 -4.74 -7.58 -11.44
C PRO B 300 -4.19 -8.41 -10.28
N LEU B 301 -3.54 -7.72 -9.35
CA LEU B 301 -2.93 -8.35 -8.20
C LEU B 301 -3.80 -8.36 -6.97
N GLY B 302 -4.83 -7.51 -6.91
CA GLY B 302 -5.63 -7.34 -5.72
C GLY B 302 -5.16 -6.16 -4.91
N ALA B 303 -5.14 -6.29 -3.59
CA ALA B 303 -4.66 -5.24 -2.70
C ALA B 303 -3.15 -5.42 -2.51
N VAL B 304 -2.36 -4.59 -3.18
CA VAL B 304 -0.91 -4.75 -3.15
C VAL B 304 -0.37 -4.41 -1.78
N ALA B 305 0.81 -4.96 -1.47
CA ALA B 305 1.42 -4.74 -0.16
C ALA B 305 2.02 -3.34 -0.04
N LEU B 306 2.48 -2.76 -1.15
CA LEU B 306 3.06 -1.42 -1.10
C LEU B 306 1.97 -0.41 -0.78
N LYS B 307 2.16 0.34 0.31
CA LYS B 307 1.11 1.22 0.79
C LYS B 307 0.72 2.27 -0.25
N SER B 308 1.70 2.81 -0.97
CA SER B 308 1.43 3.94 -1.86
C SER B 308 0.54 3.53 -3.03
N TYR B 309 0.92 2.49 -3.77
CA TYR B 309 0.16 2.10 -4.95
C TYR B 309 -1.20 1.53 -4.57
N GLU B 310 -1.31 0.89 -3.41
CA GLU B 310 -2.62 0.43 -2.96
C GLU B 310 -3.52 1.62 -2.65
N GLU B 311 -2.95 2.65 -2.01
CA GLU B 311 -3.67 3.90 -1.80
C GLU B 311 -4.25 4.42 -3.10
N GLU B 312 -3.53 4.23 -4.22
CA GLU B 312 -4.00 4.67 -5.51
C GLU B 312 -5.11 3.78 -6.05
N LEU B 313 -5.00 2.47 -5.82
CA LEU B 313 -5.98 1.51 -6.31
C LEU B 313 -7.10 1.24 -5.31
N ALA B 314 -7.02 1.80 -4.11
CA ALA B 314 -8.01 1.50 -3.08
C ALA B 314 -9.42 1.87 -3.53
N LYS B 315 -9.53 2.83 -4.46
N LYS B 315 -9.54 2.84 -4.45
CA LYS B 315 -10.84 3.27 -4.94
CA LYS B 315 -10.84 3.27 -4.92
C LYS B 315 -11.49 2.26 -5.87
C LYS B 315 -11.48 2.26 -5.87
N ASP B 316 -10.84 1.13 -6.15
CA ASP B 316 -11.40 0.13 -7.05
C ASP B 316 -12.38 -0.75 -6.28
N PRO B 317 -13.67 -0.78 -6.64
CA PRO B 317 -14.62 -1.56 -5.83
C PRO B 317 -14.34 -3.04 -5.84
N ARG B 318 -13.74 -3.58 -6.89
CA ARG B 318 -13.45 -5.01 -6.95
C ARG B 318 -12.39 -5.38 -5.92
N ILE B 319 -11.44 -4.49 -5.66
CA ILE B 319 -10.45 -4.74 -4.62
C ILE B 319 -11.11 -4.62 -3.25
N ALA B 320 -12.06 -3.69 -3.10
CA ALA B 320 -12.81 -3.59 -1.87
C ALA B 320 -13.59 -4.86 -1.59
N ALA B 321 -14.19 -5.44 -2.64
CA ALA B 321 -14.87 -6.72 -2.49
C ALA B 321 -13.89 -7.82 -2.12
N THR B 322 -12.74 -7.84 -2.78
CA THR B 322 -11.71 -8.83 -2.45
C THR B 322 -11.34 -8.76 -0.98
N MET B 323 -11.03 -7.56 -0.49
CA MET B 323 -10.63 -7.41 0.91
C MET B 323 -11.81 -7.57 1.86
N GLU B 324 -13.04 -7.44 1.38
CA GLU B 324 -14.19 -7.80 2.21
C GLU B 324 -14.27 -9.31 2.39
N ASN B 325 -14.11 -10.06 1.30
CA ASN B 325 -14.06 -11.51 1.40
C ASN B 325 -12.89 -11.97 2.25
N ALA B 326 -11.76 -11.27 2.16
CA ALA B 326 -10.61 -11.62 2.98
C ALA B 326 -10.92 -11.43 4.46
N GLN B 327 -11.69 -10.39 4.79
CA GLN B 327 -12.06 -10.15 6.17
C GLN B 327 -12.95 -11.27 6.71
N LYS B 328 -13.67 -11.97 5.85
CA LYS B 328 -14.48 -13.10 6.29
C LYS B 328 -13.65 -14.37 6.46
N GLY B 329 -12.65 -14.57 5.61
CA GLY B 329 -11.85 -15.78 5.62
C GLY B 329 -10.68 -15.70 6.58
N GLU B 330 -9.76 -16.65 6.43
CA GLU B 330 -8.61 -16.76 7.31
C GLU B 330 -7.33 -16.75 6.48
N ILE B 331 -6.32 -16.06 7.01
CA ILE B 331 -5.01 -16.05 6.35
C ILE B 331 -4.44 -17.46 6.35
N MET B 332 -3.90 -17.87 5.21
CA MET B 332 -3.31 -19.20 5.14
C MET B 332 -2.13 -19.30 6.10
N PRO B 333 -1.93 -20.44 6.75
CA PRO B 333 -0.66 -20.68 7.44
C PRO B 333 0.44 -20.92 6.42
N ASN B 334 1.67 -20.64 6.83
CA ASN B 334 2.83 -20.94 6.01
C ASN B 334 3.58 -22.17 6.48
N ILE B 335 3.13 -22.82 7.55
CA ILE B 335 3.80 -23.98 8.11
C ILE B 335 3.96 -25.05 7.04
N PRO B 336 4.99 -25.89 7.11
CA PRO B 336 5.20 -26.89 6.05
C PRO B 336 4.06 -27.88 5.91
N GLN B 337 3.30 -28.11 6.98
CA GLN B 337 2.22 -29.09 6.92
C GLN B 337 1.11 -28.65 5.96
N MET B 338 1.09 -27.38 5.58
CA MET B 338 0.11 -26.91 4.59
C MET B 338 0.19 -27.75 3.32
N SER B 339 1.40 -28.13 2.91
CA SER B 339 1.56 -28.97 1.73
C SER B 339 0.75 -30.25 1.86
N ALA B 340 0.92 -30.96 2.98
CA ALA B 340 0.14 -32.16 3.24
C ALA B 340 -1.35 -31.84 3.27
N PHE B 341 -1.73 -30.76 3.95
CA PHE B 341 -3.13 -30.33 3.98
C PHE B 341 -3.67 -30.21 2.56
N TRP B 342 -3.04 -29.37 1.74
CA TRP B 342 -3.54 -29.14 0.38
C TRP B 342 -3.52 -30.43 -0.43
N TYR B 343 -2.59 -31.33 -0.16
CA TYR B 343 -2.50 -32.55 -0.94
C TYR B 343 -3.66 -33.49 -0.61
N ALA B 344 -4.08 -33.51 0.65
CA ALA B 344 -5.14 -34.43 1.08
C ALA B 344 -6.52 -33.88 0.72
N VAL B 345 -6.76 -32.61 1.04
CA VAL B 345 -8.05 -32.00 0.71
C VAL B 345 -8.31 -32.13 -0.79
N ARG B 346 -7.27 -31.98 -1.62
N ARG B 346 -7.28 -31.91 -1.61
CA ARG B 346 -7.45 -32.12 -3.06
CA ARG B 346 -7.35 -32.15 -3.05
C ARG B 346 -8.00 -33.49 -3.41
C ARG B 346 -8.01 -33.48 -3.36
N THR B 347 -7.38 -34.56 -2.89
CA THR B 347 -7.84 -35.90 -3.21
C THR B 347 -9.25 -36.15 -2.67
N ALA B 348 -9.52 -35.69 -1.46
CA ALA B 348 -10.85 -35.86 -0.88
C ALA B 348 -11.93 -35.28 -1.77
N VAL B 349 -11.75 -34.02 -2.20
CA VAL B 349 -12.78 -33.35 -2.97
C VAL B 349 -13.06 -34.10 -4.28
N ILE B 350 -12.01 -34.59 -4.94
CA ILE B 350 -12.21 -35.24 -6.23
C ILE B 350 -12.79 -36.64 -6.07
N ASN B 351 -12.56 -37.29 -4.94
CA ASN B 351 -13.10 -38.64 -4.74
C ASN B 351 -14.55 -38.60 -4.29
N ALA B 352 -14.87 -37.70 -3.35
CA ALA B 352 -16.27 -37.49 -3.00
C ALA B 352 -17.06 -37.02 -4.21
N ALA B 353 -16.53 -36.00 -4.91
CA ALA B 353 -17.22 -35.45 -6.07
C ALA B 353 -17.53 -36.52 -7.11
N SER B 354 -16.72 -37.59 -7.17
CA SER B 354 -16.89 -38.63 -8.17
C SER B 354 -17.62 -39.85 -7.63
N GLY B 355 -18.02 -39.85 -6.36
CA GLY B 355 -18.69 -40.98 -5.77
C GLY B 355 -17.79 -42.14 -5.41
N ARG B 356 -16.48 -42.04 -5.66
CA ARG B 356 -15.57 -43.12 -5.33
C ARG B 356 -15.59 -43.41 -3.84
N GLN B 357 -15.70 -42.37 -3.01
CA GLN B 357 -15.85 -42.49 -1.57
C GLN B 357 -16.96 -41.57 -1.09
N THR B 358 -17.45 -41.86 0.10
CA THR B 358 -18.41 -40.97 0.76
C THR B 358 -17.67 -39.82 1.44
N VAL B 359 -18.42 -38.76 1.73
CA VAL B 359 -17.83 -37.57 2.35
C VAL B 359 -17.12 -37.94 3.63
N ASP B 360 -17.71 -38.79 4.46
CA ASP B 360 -17.07 -39.19 5.70
C ASP B 360 -15.77 -39.94 5.43
N GLU B 361 -15.82 -40.92 4.53
CA GLU B 361 -14.61 -41.66 4.19
C GLU B 361 -13.52 -40.72 3.72
N ALA B 362 -13.81 -39.97 2.65
CA ALA B 362 -12.82 -39.07 2.07
C ALA B 362 -12.29 -38.08 3.11
N LEU B 363 -13.17 -37.52 3.93
CA LEU B 363 -12.73 -36.52 4.91
C LEU B 363 -11.99 -37.17 6.07
N LYS B 364 -12.34 -38.41 6.42
CA LYS B 364 -11.58 -39.12 7.44
C LYS B 364 -10.17 -39.40 6.96
N ASP B 365 -10.05 -39.97 5.75
CA ASP B 365 -8.74 -40.21 5.17
C ASP B 365 -7.88 -38.95 5.27
N ALA B 366 -8.37 -37.83 4.75
CA ALA B 366 -7.59 -36.60 4.74
C ALA B 366 -7.16 -36.20 6.14
N GLN B 367 -8.11 -36.20 7.09
CA GLN B 367 -7.78 -35.85 8.47
C GLN B 367 -6.62 -36.69 8.99
N THR B 368 -6.68 -38.01 8.75
CA THR B 368 -5.65 -38.90 9.26
C THR B 368 -4.31 -38.61 8.61
N ARG B 369 -4.29 -38.40 7.30
CA ARG B 369 -3.05 -38.14 6.59
C ARG B 369 -2.41 -36.83 7.03
N ILE B 370 -3.21 -35.90 7.54
CA ILE B 370 -2.67 -34.61 7.98
C ILE B 370 -2.14 -34.70 9.40
N THR B 371 -2.74 -35.53 10.25
CA THR B 371 -2.31 -35.67 11.64
C THR B 371 -1.36 -36.85 11.83
N LYS B 372 -0.97 -37.53 10.76
CA LYS B 372 -0.02 -38.64 10.86
C LYS B 372 1.35 -38.17 11.35
N SER C 9 -19.06 -45.93 -27.55
CA SER C 9 -18.06 -45.23 -26.76
C SER C 9 -18.06 -43.73 -27.09
N ASP C 10 -17.79 -43.41 -28.35
CA ASP C 10 -17.86 -42.03 -28.81
C ASP C 10 -19.30 -41.62 -29.11
N LEU C 11 -19.98 -42.40 -29.95
CA LEU C 11 -21.40 -42.19 -30.15
C LEU C 11 -22.13 -42.11 -28.82
N GLY C 12 -21.75 -42.96 -27.87
CA GLY C 12 -22.36 -42.91 -26.55
C GLY C 12 -22.20 -41.56 -25.88
N ARG C 13 -20.98 -41.01 -25.91
CA ARG C 13 -20.75 -39.70 -25.31
C ARG C 13 -21.58 -38.64 -26.00
N LYS C 14 -21.56 -38.60 -27.33
CA LYS C 14 -22.35 -37.62 -28.05
C LYS C 14 -23.84 -37.79 -27.76
N LEU C 15 -24.28 -39.04 -27.59
CA LEU C 15 -25.68 -39.28 -27.29
C LEU C 15 -26.04 -38.76 -25.90
N LEU C 16 -25.18 -39.02 -24.91
CA LEU C 16 -25.40 -38.45 -23.59
C LEU C 16 -25.38 -36.93 -23.64
N GLU C 17 -24.50 -36.35 -24.45
CA GLU C 17 -24.44 -34.89 -24.56
C GLU C 17 -25.72 -34.34 -25.17
N ALA C 18 -26.22 -34.99 -26.24
CA ALA C 18 -27.46 -34.54 -26.86
C ALA C 18 -28.61 -34.63 -25.88
N ALA C 19 -28.65 -35.71 -25.08
CA ALA C 19 -29.68 -35.86 -24.07
C ALA C 19 -29.63 -34.71 -23.07
N ARG C 20 -28.42 -34.31 -22.65
CA ARG C 20 -28.29 -33.19 -21.73
C ARG C 20 -28.79 -31.91 -22.36
N ALA C 21 -28.49 -31.70 -23.65
CA ALA C 21 -28.86 -30.47 -24.32
C ALA C 21 -30.31 -30.46 -24.78
N GLY C 22 -30.91 -31.62 -24.99
CA GLY C 22 -32.29 -31.68 -25.44
C GLY C 22 -32.45 -31.67 -26.94
N GLN C 23 -31.50 -32.27 -27.67
CA GLN C 23 -31.52 -32.26 -29.13
C GLN C 23 -32.10 -33.59 -29.59
N ASP C 24 -33.42 -33.65 -29.67
CA ASP C 24 -34.11 -34.87 -30.09
C ASP C 24 -33.64 -35.32 -31.46
N ASP C 25 -33.37 -34.38 -32.36
CA ASP C 25 -32.95 -34.75 -33.71
C ASP C 25 -31.54 -35.32 -33.70
N GLU C 26 -30.65 -34.76 -32.88
CA GLU C 26 -29.33 -35.34 -32.73
C GLU C 26 -29.44 -36.74 -32.13
N VAL C 27 -30.31 -36.91 -31.14
CA VAL C 27 -30.58 -38.25 -30.61
C VAL C 27 -31.08 -39.16 -31.73
N ARG C 28 -31.95 -38.66 -32.59
CA ARG C 28 -32.48 -39.45 -33.69
C ARG C 28 -31.36 -39.94 -34.60
N ILE C 29 -30.43 -39.05 -34.94
CA ILE C 29 -29.34 -39.41 -35.85
C ILE C 29 -28.40 -40.40 -35.17
N LEU C 30 -27.91 -40.07 -33.98
CA LEU C 30 -26.96 -40.92 -33.28
C LEU C 30 -27.51 -42.33 -33.12
N MET C 31 -28.78 -42.45 -32.73
CA MET C 31 -29.39 -43.77 -32.62
C MET C 31 -29.50 -44.44 -33.96
N ALA C 32 -29.67 -43.66 -35.04
CA ALA C 32 -29.75 -44.26 -36.37
C ALA C 32 -28.41 -44.82 -36.80
N ASN C 33 -27.31 -44.26 -36.30
CA ASN C 33 -25.97 -44.72 -36.63
C ASN C 33 -25.43 -45.69 -35.59
N GLY C 34 -26.30 -46.24 -34.76
CA GLY C 34 -25.93 -47.31 -33.85
C GLY C 34 -25.50 -46.88 -32.46
N ALA C 35 -25.74 -45.63 -32.07
CA ALA C 35 -25.39 -45.21 -30.72
C ALA C 35 -26.05 -46.14 -29.71
N ASP C 36 -25.36 -46.37 -28.59
CA ASP C 36 -25.86 -47.29 -27.56
C ASP C 36 -26.80 -46.54 -26.63
N VAL C 37 -28.05 -47.03 -26.54
CA VAL C 37 -29.04 -46.42 -25.68
C VAL C 37 -28.62 -46.50 -24.22
N ASN C 38 -27.93 -47.57 -23.83
CA ASN C 38 -27.54 -47.79 -22.44
C ASN C 38 -26.10 -47.39 -22.17
N ALA C 39 -25.54 -46.50 -22.98
CA ALA C 39 -24.18 -46.02 -22.76
C ALA C 39 -24.02 -45.46 -21.36
N ALA C 40 -23.03 -45.96 -20.62
CA ALA C 40 -22.75 -45.49 -19.28
C ALA C 40 -21.42 -44.74 -19.28
N ASP C 41 -21.40 -43.61 -18.56
CA ASP C 41 -20.20 -42.79 -18.50
C ASP C 41 -19.32 -43.28 -17.35
N ASN C 42 -18.46 -42.40 -16.83
CA ASN C 42 -17.59 -42.78 -15.72
C ASN C 42 -18.39 -43.09 -14.46
N THR C 43 -19.45 -42.32 -14.21
CA THR C 43 -20.22 -42.43 -12.98
C THR C 43 -21.46 -43.31 -13.14
N GLY C 44 -21.52 -44.11 -14.20
CA GLY C 44 -22.72 -44.89 -14.45
C GLY C 44 -23.91 -44.08 -14.92
N THR C 45 -23.71 -42.80 -15.23
CA THR C 45 -24.80 -41.98 -15.76
C THR C 45 -25.07 -42.37 -17.21
N THR C 46 -26.34 -42.63 -17.51
CA THR C 46 -26.78 -43.06 -18.83
C THR C 46 -27.54 -41.94 -19.53
N PRO C 47 -27.89 -42.11 -20.81
CA PRO C 47 -28.65 -41.06 -21.50
C PRO C 47 -29.96 -40.75 -20.80
N LEU C 48 -30.62 -41.76 -20.25
CA LEU C 48 -31.91 -41.55 -19.60
C LEU C 48 -31.78 -40.67 -18.37
N HIS C 49 -30.72 -40.88 -17.58
CA HIS C 49 -30.43 -39.97 -16.47
C HIS C 49 -30.44 -38.53 -16.95
N LEU C 50 -29.77 -38.27 -18.08
CA LEU C 50 -29.58 -36.90 -18.54
C LEU C 50 -30.86 -36.32 -19.14
N ALA C 51 -31.58 -37.11 -19.94
CA ALA C 51 -32.85 -36.63 -20.47
C ALA C 51 -33.83 -36.34 -19.35
N ALA C 52 -33.85 -37.20 -18.34
CA ALA C 52 -34.78 -37.01 -17.22
C ALA C 52 -34.45 -35.72 -16.46
N TYR C 53 -33.17 -35.49 -16.16
CA TYR C 53 -32.79 -34.32 -15.38
C TYR C 53 -33.02 -33.02 -16.16
N SER C 54 -32.96 -33.08 -17.49
CA SER C 54 -33.08 -31.90 -18.32
C SER C 54 -34.52 -31.62 -18.75
N GLY C 55 -35.46 -32.49 -18.41
CA GLY C 55 -36.87 -32.22 -18.61
C GLY C 55 -37.38 -32.46 -20.02
N HIS C 56 -36.64 -33.21 -20.83
CA HIS C 56 -37.03 -33.47 -22.22
C HIS C 56 -37.76 -34.80 -22.26
N LEU C 57 -39.08 -34.73 -22.09
CA LEU C 57 -39.90 -35.93 -22.00
C LEU C 57 -39.80 -36.76 -23.28
N GLU C 58 -39.85 -36.12 -24.44
CA GLU C 58 -39.85 -36.87 -25.70
C GLU C 58 -38.61 -37.75 -25.80
N ILE C 59 -37.44 -37.20 -25.45
CA ILE C 59 -36.21 -38.00 -25.52
C ILE C 59 -36.30 -39.17 -24.57
N VAL C 60 -36.80 -38.95 -23.36
CA VAL C 60 -37.04 -40.04 -22.42
C VAL C 60 -37.83 -41.15 -23.11
N GLU C 61 -38.94 -40.77 -23.75
CA GLU C 61 -39.76 -41.76 -24.43
C GLU C 61 -38.98 -42.49 -25.51
N VAL C 62 -38.19 -41.75 -26.29
CA VAL C 62 -37.41 -42.35 -27.36
C VAL C 62 -36.43 -43.37 -26.79
N LEU C 63 -35.65 -42.95 -25.78
CA LEU C 63 -34.69 -43.85 -25.16
C LEU C 63 -35.38 -45.13 -24.69
N LEU C 64 -36.47 -44.98 -23.93
CA LEU C 64 -37.22 -46.15 -23.50
C LEU C 64 -37.67 -46.99 -24.68
N LYS C 65 -38.12 -46.35 -25.75
CA LYS C 65 -38.50 -47.09 -26.95
C LYS C 65 -37.37 -47.97 -27.43
N HIS C 66 -36.12 -47.56 -27.20
CA HIS C 66 -34.95 -48.27 -27.69
C HIS C 66 -34.38 -49.28 -26.68
N GLY C 67 -35.04 -49.48 -25.54
CA GLY C 67 -34.58 -50.46 -24.57
C GLY C 67 -33.70 -49.92 -23.47
N ALA C 68 -33.81 -48.65 -23.11
CA ALA C 68 -33.01 -48.09 -22.04
C ALA C 68 -33.39 -48.74 -20.71
N ASP C 69 -32.38 -49.04 -19.90
CA ASP C 69 -32.60 -49.65 -18.59
C ASP C 69 -33.11 -48.58 -17.63
N VAL C 70 -34.29 -48.85 -17.04
CA VAL C 70 -34.91 -47.87 -16.15
C VAL C 70 -34.21 -47.83 -14.80
N ASP C 71 -33.89 -48.99 -14.24
CA ASP C 71 -33.35 -49.09 -12.89
C ASP C 71 -31.83 -48.95 -12.85
N ALA C 72 -31.24 -48.27 -13.84
CA ALA C 72 -29.81 -48.01 -13.81
C ALA C 72 -29.51 -46.91 -12.80
N SER C 73 -28.39 -47.06 -12.11
CA SER C 73 -27.99 -46.09 -11.10
C SER C 73 -26.56 -45.65 -11.34
N ASP C 74 -26.24 -44.45 -10.87
CA ASP C 74 -24.89 -43.91 -10.97
C ASP C 74 -24.15 -44.19 -9.66
N VAL C 75 -22.90 -43.71 -9.58
CA VAL C 75 -22.09 -43.92 -8.38
C VAL C 75 -22.77 -43.35 -7.15
N PHE C 76 -23.70 -42.42 -7.31
CA PHE C 76 -24.44 -41.85 -6.18
C PHE C 76 -25.71 -42.62 -5.87
N GLY C 77 -26.03 -43.67 -6.63
CA GLY C 77 -27.27 -44.39 -6.43
C GLY C 77 -28.47 -43.71 -7.03
N PHE C 78 -28.27 -42.74 -7.91
CA PHE C 78 -29.36 -41.99 -8.53
C PHE C 78 -29.84 -42.73 -9.77
N THR C 79 -31.13 -42.95 -9.84
CA THR C 79 -31.78 -43.51 -11.02
C THR C 79 -32.41 -42.39 -11.83
N PRO C 80 -32.81 -42.67 -13.07
CA PRO C 80 -33.52 -41.63 -13.83
C PRO C 80 -34.74 -41.09 -13.09
N LEU C 81 -35.47 -41.97 -12.39
CA LEU C 81 -36.61 -41.52 -11.60
C LEU C 81 -36.18 -40.54 -10.52
N GLY C 82 -35.07 -40.82 -9.83
CA GLY C 82 -34.62 -39.93 -8.78
C GLY C 82 -34.32 -38.53 -9.28
N LEU C 83 -33.71 -38.43 -10.47
CA LEU C 83 -33.41 -37.11 -11.03
C LEU C 83 -34.68 -36.41 -11.48
N ALA C 84 -35.57 -37.12 -12.17
CA ALA C 84 -36.82 -36.51 -12.60
C ALA C 84 -37.58 -35.92 -11.43
N ALA C 85 -37.64 -36.66 -10.32
CA ALA C 85 -38.35 -36.15 -9.14
C ALA C 85 -37.59 -35.00 -8.50
N LEU C 86 -36.26 -35.09 -8.47
CA LEU C 86 -35.46 -34.02 -7.88
C LEU C 86 -35.61 -32.71 -8.65
N TRP C 87 -35.79 -32.80 -9.97
CA TRP C 87 -35.93 -31.62 -10.82
C TRP C 87 -37.39 -31.28 -11.13
N GLY C 88 -38.34 -31.98 -10.52
CA GLY C 88 -39.74 -31.64 -10.65
C GLY C 88 -40.35 -31.87 -12.02
N HIS C 89 -39.95 -32.94 -12.70
CA HIS C 89 -40.50 -33.27 -14.02
C HIS C 89 -41.56 -34.34 -13.86
N LEU C 90 -42.77 -33.88 -13.50
CA LEU C 90 -43.87 -34.80 -13.21
C LEU C 90 -44.15 -35.73 -14.38
N GLU C 91 -44.18 -35.20 -15.60
CA GLU C 91 -44.55 -36.02 -16.75
C GLU C 91 -43.52 -37.12 -16.97
N ILE C 92 -42.24 -36.82 -16.75
CA ILE C 92 -41.20 -37.85 -16.86
C ILE C 92 -41.38 -38.88 -15.75
N VAL C 93 -41.64 -38.43 -14.52
CA VAL C 93 -41.82 -39.35 -13.40
C VAL C 93 -42.88 -40.38 -13.74
N GLU C 94 -44.05 -39.93 -14.20
CA GLU C 94 -45.13 -40.85 -14.53
C GLU C 94 -44.68 -41.87 -15.57
N VAL C 95 -43.97 -41.41 -16.60
CA VAL C 95 -43.48 -42.31 -17.64
C VAL C 95 -42.53 -43.34 -17.05
N LEU C 96 -41.68 -42.92 -16.13
CA LEU C 96 -40.71 -43.84 -15.53
C LEU C 96 -41.38 -44.85 -14.62
N LEU C 97 -42.39 -44.42 -13.87
CA LEU C 97 -43.15 -45.34 -13.03
C LEU C 97 -43.99 -46.30 -13.86
N LYS C 98 -44.34 -45.94 -15.09
CA LYS C 98 -45.01 -46.89 -15.97
C LYS C 98 -44.12 -48.08 -16.30
N HIS C 99 -42.81 -47.85 -16.37
CA HIS C 99 -41.86 -48.90 -16.74
C HIS C 99 -41.24 -49.61 -15.53
N GLY C 100 -41.52 -49.14 -14.32
CA GLY C 100 -41.01 -49.78 -13.12
C GLY C 100 -39.74 -49.13 -12.58
N ASN C 104 -38.64 -46.27 -5.42
CA ASN C 104 -38.09 -46.56 -4.10
C ASN C 104 -36.58 -46.72 -4.11
N ALA C 105 -35.96 -46.50 -5.27
CA ALA C 105 -34.52 -46.62 -5.37
C ALA C 105 -33.85 -45.62 -4.44
N MET C 106 -33.04 -46.12 -3.51
CA MET C 106 -32.36 -45.30 -2.53
C MET C 106 -30.96 -44.95 -3.01
N GLY C 107 -30.49 -43.77 -2.61
CA GLY C 107 -29.19 -43.28 -3.02
C GLY C 107 -28.12 -43.58 -1.99
N SER C 108 -27.00 -42.88 -2.12
CA SER C 108 -25.86 -43.10 -1.23
C SER C 108 -26.18 -42.73 0.22
N ASP C 109 -27.28 -42.01 0.47
CA ASP C 109 -27.69 -41.67 1.83
C ASP C 109 -29.08 -42.20 2.15
N GLY C 110 -29.54 -43.22 1.42
CA GLY C 110 -30.78 -43.89 1.72
C GLY C 110 -32.04 -43.12 1.41
N TRP C 111 -31.95 -41.96 0.76
CA TRP C 111 -33.14 -41.18 0.44
C TRP C 111 -33.67 -41.58 -0.92
N THR C 112 -34.98 -41.74 -0.99
CA THR C 112 -35.70 -42.21 -2.17
C THR C 112 -36.24 -41.02 -2.94
N PRO C 113 -36.81 -41.27 -4.13
CA PRO C 113 -37.43 -40.15 -4.88
C PRO C 113 -38.51 -39.45 -4.10
N LEU C 114 -39.11 -40.11 -3.11
CA LEU C 114 -40.12 -39.45 -2.29
C LEU C 114 -39.50 -38.47 -1.32
N HIS C 115 -38.33 -38.82 -0.77
CA HIS C 115 -37.56 -37.85 0.00
C HIS C 115 -37.32 -36.58 -0.79
N ALA C 116 -37.00 -36.72 -2.08
CA ALA C 116 -36.73 -35.55 -2.91
C ALA C 116 -37.99 -34.75 -3.17
N ALA C 117 -39.03 -35.40 -3.71
CA ALA C 117 -40.27 -34.70 -4.02
C ALA C 117 -40.80 -33.97 -2.78
N ALA C 118 -40.67 -34.59 -1.60
CA ALA C 118 -41.12 -33.95 -0.38
C ALA C 118 -40.21 -32.79 0.00
N LYS C 119 -38.90 -32.97 -0.13
CA LYS C 119 -37.95 -31.92 0.22
C LYS C 119 -38.20 -30.65 -0.59
N PHE C 120 -38.59 -30.79 -1.85
CA PHE C 120 -38.65 -29.66 -2.78
C PHE C 120 -40.08 -29.31 -3.19
N GLY C 121 -41.08 -29.80 -2.45
CA GLY C 121 -42.44 -29.36 -2.68
C GLY C 121 -43.03 -29.71 -4.02
N TYR C 122 -42.79 -30.93 -4.50
CA TYR C 122 -43.39 -31.43 -5.74
C TYR C 122 -44.58 -32.31 -5.36
N LEU C 123 -45.71 -31.66 -5.10
CA LEU C 123 -46.87 -32.36 -4.55
C LEU C 123 -47.37 -33.43 -5.50
N GLU C 124 -47.59 -33.08 -6.77
CA GLU C 124 -48.11 -34.06 -7.73
C GLU C 124 -47.19 -35.26 -7.84
N ILE C 125 -45.88 -35.02 -7.87
CA ILE C 125 -44.92 -36.12 -7.91
C ILE C 125 -45.12 -37.02 -6.70
N VAL C 126 -45.25 -36.42 -5.52
CA VAL C 126 -45.53 -37.19 -4.31
C VAL C 126 -46.77 -38.05 -4.51
N GLU C 127 -47.83 -37.47 -5.08
CA GLU C 127 -49.07 -38.20 -5.29
C GLU C 127 -48.84 -39.46 -6.12
N VAL C 128 -48.10 -39.33 -7.22
CA VAL C 128 -47.92 -40.46 -8.13
C VAL C 128 -46.96 -41.47 -7.52
N LEU C 129 -45.95 -41.00 -6.79
CA LEU C 129 -45.01 -41.92 -6.14
C LEU C 129 -45.72 -42.79 -5.13
N LEU C 130 -46.45 -42.15 -4.19
CA LEU C 130 -47.24 -42.92 -3.23
C LEU C 130 -48.21 -43.86 -3.94
N LYS C 131 -48.83 -43.39 -5.01
CA LYS C 131 -49.74 -44.24 -5.78
C LYS C 131 -49.02 -45.43 -6.42
N HIS C 132 -47.69 -45.40 -6.48
CA HIS C 132 -46.92 -46.49 -7.07
C HIS C 132 -46.11 -47.27 -6.04
N GLY C 133 -46.43 -47.09 -4.76
CA GLY C 133 -45.81 -47.91 -3.73
C GLY C 133 -44.60 -47.32 -3.07
N ALA C 134 -44.48 -46.00 -3.03
CA ALA C 134 -43.35 -45.38 -2.34
C ALA C 134 -43.46 -45.61 -0.84
N ASP C 135 -42.35 -45.98 -0.22
CA ASP C 135 -42.32 -46.27 1.21
C ASP C 135 -42.31 -44.96 1.99
N VAL C 136 -43.40 -44.70 2.71
CA VAL C 136 -43.48 -43.48 3.51
C VAL C 136 -42.55 -43.56 4.72
N ASN C 137 -42.25 -44.77 5.20
CA ASN C 137 -41.40 -44.94 6.37
C ASN C 137 -39.91 -44.92 6.03
N ALA C 138 -39.56 -44.68 4.77
CA ALA C 138 -38.15 -44.70 4.38
C ALA C 138 -37.38 -43.64 5.14
N GLN C 139 -36.32 -44.07 5.81
CA GLN C 139 -35.45 -43.17 6.58
C GLN C 139 -34.10 -43.06 5.88
N ASP C 140 -33.38 -41.99 6.22
CA ASP C 140 -32.06 -41.74 5.65
C ASP C 140 -30.99 -41.75 6.72
N LYS C 141 -29.81 -41.19 6.42
CA LYS C 141 -28.70 -41.27 7.36
C LYS C 141 -29.04 -40.61 8.69
N ARG C 142 -29.76 -39.48 8.65
CA ARG C 142 -30.18 -38.79 9.86
C ARG C 142 -31.51 -39.32 10.39
N GLY C 143 -32.05 -40.38 9.80
CA GLY C 143 -33.33 -40.91 10.24
C GLY C 143 -34.49 -40.02 9.90
N LYS C 144 -34.44 -39.34 8.76
CA LYS C 144 -35.50 -38.44 8.32
C LYS C 144 -36.42 -39.17 7.34
N THR C 145 -37.70 -39.20 7.66
CA THR C 145 -38.69 -39.72 6.72
C THR C 145 -39.13 -38.62 5.77
N PRO C 146 -39.64 -38.96 4.59
CA PRO C 146 -40.13 -37.92 3.67
C PRO C 146 -41.13 -36.98 4.34
N PHE C 147 -41.87 -37.47 5.34
CA PHE C 147 -42.69 -36.59 6.14
C PHE C 147 -41.82 -35.64 6.97
N ASP C 148 -40.76 -36.15 7.60
CA ASP C 148 -39.90 -35.31 8.41
C ASP C 148 -39.26 -34.20 7.58
N LEU C 149 -38.81 -34.51 6.37
CA LEU C 149 -38.18 -33.50 5.52
C LEU C 149 -39.22 -32.53 4.97
N ALA C 150 -40.42 -33.03 4.63
CA ALA C 150 -41.49 -32.16 4.20
C ALA C 150 -41.78 -31.11 5.27
N ILE C 151 -41.78 -31.52 6.54
CA ILE C 151 -42.05 -30.59 7.63
C ILE C 151 -40.86 -29.67 7.85
N ASP C 152 -39.64 -30.19 7.72
CA ASP C 152 -38.46 -29.37 7.94
C ASP C 152 -38.37 -28.24 6.93
N ASN C 153 -38.90 -28.43 5.73
CA ASN C 153 -38.82 -27.44 4.66
C ASN C 153 -40.12 -26.67 4.47
N GLY C 154 -41.03 -26.74 5.43
CA GLY C 154 -42.28 -26.00 5.34
C GLY C 154 -43.17 -26.45 4.21
N ASN C 155 -43.30 -27.76 4.02
CA ASN C 155 -44.17 -28.32 2.99
C ASN C 155 -45.39 -28.93 3.66
N GLU C 156 -46.20 -28.05 4.26
CA GLU C 156 -47.35 -28.47 5.04
C GLU C 156 -48.26 -29.40 4.25
N ASP C 157 -48.53 -29.07 2.99
CA ASP C 157 -49.43 -29.89 2.20
C ASP C 157 -48.92 -31.32 2.07
N ILE C 158 -47.65 -31.47 1.68
CA ILE C 158 -47.09 -32.80 1.45
C ILE C 158 -46.96 -33.56 2.77
N ALA C 159 -46.59 -32.88 3.85
CA ALA C 159 -46.52 -33.54 5.15
C ALA C 159 -47.87 -34.14 5.52
N GLU C 160 -48.95 -33.38 5.32
CA GLU C 160 -50.28 -33.88 5.64
C GLU C 160 -50.64 -35.10 4.80
N VAL C 161 -50.40 -35.01 3.48
CA VAL C 161 -50.73 -36.13 2.60
C VAL C 161 -49.89 -37.35 2.94
N LEU C 162 -48.70 -37.14 3.51
CA LEU C 162 -47.84 -38.25 3.91
C LEU C 162 -48.31 -38.86 5.22
N SER D 9 20.23 46.30 26.26
CA SER D 9 19.78 46.03 24.90
C SER D 9 20.96 45.56 24.04
N ASP D 10 21.97 46.41 23.91
CA ASP D 10 23.18 46.03 23.20
C ASP D 10 24.09 45.20 24.09
N LEU D 11 24.47 45.73 25.25
CA LEU D 11 25.11 44.91 26.27
C LEU D 11 24.25 43.70 26.62
N GLY D 12 22.94 43.91 26.72
CA GLY D 12 22.05 42.80 27.02
C GLY D 12 22.18 41.67 26.01
N ARG D 13 22.25 42.02 24.72
CA ARG D 13 22.46 41.00 23.71
C ARG D 13 23.76 40.27 23.96
N LYS D 14 24.83 41.01 24.23
CA LYS D 14 26.13 40.41 24.52
C LYS D 14 26.04 39.50 25.74
N LEU D 15 25.25 39.90 26.74
CA LEU D 15 25.08 39.08 27.93
C LEU D 15 24.34 37.78 27.60
N LEU D 16 23.29 37.87 26.78
CA LEU D 16 22.62 36.67 26.32
C LEU D 16 23.58 35.77 25.54
N GLU D 17 24.47 36.37 24.75
CA GLU D 17 25.41 35.58 23.98
C GLU D 17 26.39 34.85 24.90
N ALA D 18 26.97 35.56 25.87
CA ALA D 18 27.91 34.93 26.78
C ALA D 18 27.25 33.85 27.61
N ALA D 19 26.04 34.12 28.12
CA ALA D 19 25.33 33.12 28.90
C ALA D 19 25.03 31.88 28.08
N ARG D 20 24.56 32.07 26.84
CA ARG D 20 24.28 30.93 25.98
C ARG D 20 25.55 30.16 25.63
N ALA D 21 26.65 30.88 25.41
CA ALA D 21 27.90 30.25 24.99
C ALA D 21 28.67 29.63 26.15
N GLY D 22 28.42 30.08 27.38
CA GLY D 22 29.12 29.54 28.53
C GLY D 22 30.40 30.27 28.86
N GLN D 23 30.40 31.58 28.63
CA GLN D 23 31.59 32.41 28.84
C GLN D 23 31.46 33.05 30.23
N ASP D 24 31.89 32.32 31.24
CA ASP D 24 31.80 32.82 32.61
C ASP D 24 32.53 34.15 32.76
N ASP D 25 33.67 34.30 32.09
CA ASP D 25 34.44 35.53 32.22
C ASP D 25 33.78 36.67 31.44
N GLU D 26 33.25 36.38 30.25
CA GLU D 26 32.55 37.41 29.50
C GLU D 26 31.33 37.90 30.26
N VAL D 27 30.57 36.98 30.88
CA VAL D 27 29.47 37.38 31.74
C VAL D 27 29.99 38.26 32.87
N ARG D 28 31.13 37.89 33.46
CA ARG D 28 31.71 38.70 34.53
C ARG D 28 31.98 40.12 34.04
N ILE D 29 32.54 40.25 32.83
CA ILE D 29 32.85 41.57 32.30
C ILE D 29 31.57 42.36 32.04
N LEU D 30 30.64 41.76 31.29
CA LEU D 30 29.41 42.46 30.95
C LEU D 30 28.69 42.96 32.19
N MET D 31 28.61 42.14 33.24
CA MET D 31 28.00 42.60 34.48
C MET D 31 28.76 43.75 35.09
N ALA D 32 30.08 43.80 34.91
CA ALA D 32 30.87 44.89 35.46
C ALA D 32 30.58 46.20 34.74
N ASN D 33 30.18 46.13 33.48
CA ASN D 33 29.88 47.32 32.69
C ASN D 33 28.39 47.66 32.69
N GLY D 34 27.63 47.09 33.61
CA GLY D 34 26.24 47.48 33.80
C GLY D 34 25.23 46.67 33.02
N ALA D 35 25.62 45.51 32.48
CA ALA D 35 24.66 44.68 31.78
C ALA D 35 23.47 44.35 32.67
N ASP D 36 22.29 44.23 32.04
CA ASP D 36 21.06 43.96 32.77
C ASP D 36 20.92 42.46 32.99
N VAL D 37 20.79 42.07 34.26
CA VAL D 37 20.73 40.64 34.60
C VAL D 37 19.54 39.98 33.92
N ASN D 38 18.42 40.70 33.80
CA ASN D 38 17.19 40.15 33.28
C ASN D 38 16.92 40.58 31.83
N ALA D 39 17.97 40.91 31.09
CA ALA D 39 17.80 41.31 29.70
C ALA D 39 17.02 40.26 28.93
N ALA D 40 15.92 40.69 28.32
CA ALA D 40 15.06 39.80 27.55
C ALA D 40 15.13 40.15 26.08
N ASP D 41 15.20 39.13 25.23
CA ASP D 41 15.26 39.34 23.79
C ASP D 41 13.83 39.45 23.25
N ASN D 42 13.65 39.15 21.96
CA ASN D 42 12.32 39.20 21.36
C ASN D 42 11.41 38.14 21.96
N THR D 43 11.95 36.96 22.28
CA THR D 43 11.16 35.83 22.72
C THR D 43 11.06 35.72 24.23
N GLY D 44 11.40 36.78 24.96
CA GLY D 44 11.40 36.69 26.40
C GLY D 44 12.52 35.85 26.97
N THR D 45 13.45 35.40 26.15
CA THR D 45 14.58 34.63 26.63
C THR D 45 15.56 35.53 27.37
N THR D 46 15.90 35.14 28.60
CA THR D 46 16.79 35.88 29.47
C THR D 46 18.12 35.13 29.62
N PRO D 47 19.13 35.75 30.24
CA PRO D 47 20.40 35.02 30.44
C PRO D 47 20.21 33.75 31.23
N LEU D 48 19.32 33.74 32.22
CA LEU D 48 19.13 32.55 33.04
C LEU D 48 18.51 31.42 32.23
N HIS D 49 17.54 31.74 31.37
CA HIS D 49 17.01 30.75 30.43
C HIS D 49 18.14 30.07 29.67
N LEU D 50 19.09 30.87 29.16
CA LEU D 50 20.14 30.34 28.29
C LEU D 50 21.20 29.59 29.08
N ALA D 51 21.61 30.13 30.22
CA ALA D 51 22.59 29.43 31.05
C ALA D 51 22.05 28.09 31.55
N ALA D 52 20.78 28.07 31.97
CA ALA D 52 20.20 26.84 32.49
C ALA D 52 20.15 25.75 31.43
N TYR D 53 19.65 26.10 30.24
CA TYR D 53 19.53 25.10 29.18
C TYR D 53 20.89 24.66 28.68
N SER D 54 21.90 25.51 28.81
CA SER D 54 23.24 25.21 28.31
C SER D 54 24.13 24.54 29.35
N GLY D 55 23.65 24.38 30.58
CA GLY D 55 24.34 23.58 31.56
C GLY D 55 25.47 24.25 32.30
N HIS D 56 25.55 25.57 32.28
CA HIS D 56 26.65 26.30 32.91
C HIS D 56 26.20 26.72 34.31
N LEU D 57 26.44 25.84 35.29
CA LEU D 57 25.98 26.09 36.65
C LEU D 57 26.58 27.38 37.20
N GLU D 58 27.86 27.61 36.96
CA GLU D 58 28.53 28.79 37.52
C GLU D 58 27.79 30.07 37.14
N ILE D 59 27.44 30.20 35.86
CA ILE D 59 26.71 31.38 35.41
C ILE D 59 25.33 31.44 36.08
N VAL D 60 24.63 30.31 36.15
CA VAL D 60 23.34 30.26 36.80
C VAL D 60 23.41 30.87 38.20
N GLU D 61 24.37 30.41 39.00
CA GLU D 61 24.51 30.93 40.35
C GLU D 61 24.80 32.42 40.35
N VAL D 62 25.67 32.87 39.44
CA VAL D 62 26.04 34.28 39.39
C VAL D 62 24.82 35.13 39.06
N LEU D 63 24.09 34.75 38.01
CA LEU D 63 22.88 35.50 37.64
C LEU D 63 21.93 35.59 38.82
N LEU D 64 21.65 34.46 39.46
CA LEU D 64 20.79 34.46 40.64
C LEU D 64 21.34 35.39 41.72
N LYS D 65 22.64 35.33 41.96
CA LYS D 65 23.26 36.23 42.92
C LYS D 65 23.00 37.68 42.59
N HIS D 66 22.83 38.00 41.31
CA HIS D 66 22.66 39.38 40.86
C HIS D 66 21.21 39.79 40.77
N GLY D 67 20.28 38.93 41.18
CA GLY D 67 18.87 39.27 41.16
C GLY D 67 18.12 38.82 39.93
N ALA D 68 18.61 37.80 39.24
CA ALA D 68 17.90 37.26 38.09
C ALA D 68 16.61 36.60 38.55
N ASP D 69 15.53 36.82 37.80
CA ASP D 69 14.26 36.20 38.12
C ASP D 69 14.31 34.73 37.73
N VAL D 70 14.07 33.85 38.70
CA VAL D 70 14.13 32.41 38.42
C VAL D 70 12.88 31.97 37.65
N ASP D 71 11.72 32.47 38.04
CA ASP D 71 10.44 32.04 37.47
C ASP D 71 10.06 32.82 36.22
N ALA D 72 11.04 33.37 35.50
CA ALA D 72 10.75 34.04 34.24
C ALA D 72 10.46 33.03 33.16
N SER D 73 9.52 33.36 32.28
CA SER D 73 9.12 32.47 31.20
C SER D 73 9.19 33.20 29.87
N ASP D 74 9.36 32.42 28.81
CA ASP D 74 9.40 32.95 27.46
C ASP D 74 8.03 32.85 26.81
N VAL D 75 7.94 33.26 25.54
CA VAL D 75 6.68 33.22 24.82
C VAL D 75 6.10 31.81 24.78
N PHE D 76 6.93 30.79 25.00
CA PHE D 76 6.47 29.41 25.05
C PHE D 76 6.10 28.97 26.47
N GLY D 77 6.27 29.83 27.46
CA GLY D 77 6.01 29.46 28.83
C GLY D 77 7.11 28.64 29.47
N PHE D 78 8.29 28.61 28.86
CA PHE D 78 9.41 27.84 29.35
C PHE D 78 10.21 28.67 30.34
N THR D 79 10.44 28.13 31.52
CA THR D 79 11.26 28.76 32.54
C THR D 79 12.65 28.16 32.56
N PRO D 80 13.61 28.80 33.21
CA PRO D 80 14.92 28.18 33.36
C PRO D 80 14.85 26.80 34.00
N LEU D 81 13.95 26.61 34.97
CA LEU D 81 13.76 25.31 35.57
C LEU D 81 13.32 24.28 34.53
N GLY D 82 12.39 24.66 33.66
CA GLY D 82 11.94 23.74 32.62
C GLY D 82 13.06 23.29 31.71
N LEU D 83 13.95 24.22 31.33
CA LEU D 83 15.06 23.86 30.45
C LEU D 83 16.07 22.98 31.16
N ALA D 84 16.44 23.35 32.39
CA ALA D 84 17.36 22.52 33.17
C ALA D 84 16.83 21.10 33.29
N ALA D 85 15.54 20.95 33.58
CA ALA D 85 14.94 19.63 33.69
C ALA D 85 14.83 18.97 32.32
N LEU D 86 14.50 19.75 31.28
CA LEU D 86 14.38 19.19 29.94
C LEU D 86 15.72 18.67 29.44
N TRP D 87 16.82 19.33 29.81
CA TRP D 87 18.15 18.95 29.36
C TRP D 87 18.90 18.12 30.39
N GLY D 88 18.25 17.73 31.48
CA GLY D 88 18.86 16.83 32.43
C GLY D 88 20.00 17.43 33.23
N HIS D 89 19.90 18.71 33.58
CA HIS D 89 20.94 19.39 34.35
C HIS D 89 20.51 19.39 35.81
N LEU D 90 20.78 18.27 36.48
CA LEU D 90 20.31 18.08 37.85
C LEU D 90 20.79 19.20 38.77
N GLU D 91 22.07 19.55 38.69
CA GLU D 91 22.63 20.52 39.63
C GLU D 91 22.00 21.90 39.43
N ILE D 92 21.74 22.29 38.18
CA ILE D 92 21.04 23.56 37.94
C ILE D 92 19.61 23.47 38.45
N VAL D 93 18.93 22.36 38.19
CA VAL D 93 17.55 22.19 38.66
C VAL D 93 17.49 22.43 40.16
N GLU D 94 18.40 21.78 40.92
CA GLU D 94 18.40 21.95 42.36
C GLU D 94 18.56 23.42 42.75
N VAL D 95 19.48 24.12 42.10
CA VAL D 95 19.69 25.54 42.39
C VAL D 95 18.43 26.34 42.09
N LEU D 96 17.74 26.00 40.99
CA LEU D 96 16.54 26.74 40.62
C LEU D 96 15.41 26.48 41.60
N LEU D 97 15.26 25.24 42.04
CA LEU D 97 14.28 24.94 43.09
C LEU D 97 14.69 25.56 44.41
N LYS D 98 15.99 25.77 44.61
CA LYS D 98 16.46 26.48 45.79
C LYS D 98 15.96 27.92 45.78
N HIS D 99 15.88 28.54 44.60
CA HIS D 99 15.41 29.91 44.46
C HIS D 99 13.95 30.01 44.03
N GLY D 100 13.32 28.89 43.68
CA GLY D 100 11.92 28.91 43.28
C GLY D 100 11.75 28.95 41.76
N ASN D 104 5.80 23.77 38.80
CA ASN D 104 4.53 23.35 38.22
C ASN D 104 4.11 24.26 37.07
N ALA D 105 4.98 25.20 36.73
CA ALA D 105 4.71 26.13 35.64
C ALA D 105 4.52 25.35 34.34
N MET D 106 3.39 25.58 33.67
CA MET D 106 3.04 24.85 32.45
C MET D 106 3.55 25.58 31.23
N GLY D 107 3.88 24.81 30.19
CA GLY D 107 4.45 25.31 28.96
C GLY D 107 3.40 25.53 27.89
N SER D 108 3.88 25.64 26.65
CA SER D 108 3.00 25.93 25.52
C SER D 108 1.95 24.85 25.29
N ASP D 109 2.15 23.65 25.83
CA ASP D 109 1.16 22.57 25.73
C ASP D 109 0.80 22.05 27.11
N GLY D 110 0.92 22.89 28.14
CA GLY D 110 0.54 22.48 29.47
C GLY D 110 1.51 21.54 30.15
N TRP D 111 2.69 21.36 29.57
CA TRP D 111 3.70 20.46 30.11
C TRP D 111 4.54 21.17 31.17
N THR D 112 4.73 20.50 32.30
CA THR D 112 5.48 21.03 33.42
C THR D 112 6.90 20.48 33.39
N PRO D 113 7.79 20.98 34.24
CA PRO D 113 9.14 20.40 34.31
C PRO D 113 9.14 18.93 34.66
N LEU D 114 8.08 18.42 35.30
CA LEU D 114 7.99 17.00 35.61
C LEU D 114 7.62 16.18 34.37
N HIS D 115 6.74 16.71 33.52
CA HIS D 115 6.50 16.07 32.24
C HIS D 115 7.80 15.85 31.47
N ALA D 116 8.68 16.85 31.50
CA ALA D 116 9.94 16.75 30.75
C ALA D 116 10.86 15.71 31.37
N ALA D 117 11.14 15.83 32.67
CA ALA D 117 12.02 14.87 33.33
C ALA D 117 11.52 13.44 33.13
N ALA D 118 10.20 13.25 33.17
CA ALA D 118 9.65 11.92 32.95
C ALA D 118 9.81 11.48 31.50
N LYS D 119 9.58 12.41 30.56
CA LYS D 119 9.72 12.09 29.15
C LYS D 119 11.13 11.61 28.82
N PHE D 120 12.15 12.19 29.48
CA PHE D 120 13.54 11.96 29.11
C PHE D 120 14.33 11.18 30.16
N GLY D 121 13.64 10.54 31.10
CA GLY D 121 14.32 9.62 32.00
C GLY D 121 15.35 10.27 32.89
N TYR D 122 15.05 11.44 33.44
CA TYR D 122 15.93 12.12 34.39
C TYR D 122 15.44 11.81 35.80
N LEU D 123 15.83 10.62 36.29
CA LEU D 123 15.27 10.12 37.54
C LEU D 123 15.58 11.04 38.71
N GLU D 124 16.85 11.41 38.89
CA GLU D 124 17.20 12.26 40.01
C GLU D 124 16.43 13.57 39.95
N ILE D 125 16.32 14.16 38.77
CA ILE D 125 15.55 15.39 38.61
C ILE D 125 14.10 15.15 39.03
N VAL D 126 13.51 14.04 38.59
CA VAL D 126 12.16 13.70 39.01
C VAL D 126 12.08 13.66 40.53
N GLU D 127 13.05 13.00 41.17
CA GLU D 127 13.06 12.92 42.62
C GLU D 127 13.07 14.30 43.26
N VAL D 128 13.91 15.20 42.76
CA VAL D 128 14.06 16.51 43.37
C VAL D 128 12.84 17.37 43.10
N LEU D 129 12.25 17.25 41.90
CA LEU D 129 11.03 17.99 41.62
C LEU D 129 9.90 17.54 42.55
N LEU D 130 9.64 16.23 42.59
CA LEU D 130 8.65 15.71 43.53
C LEU D 130 8.98 16.11 44.95
N LYS D 131 10.26 16.06 45.32
CA LYS D 131 10.68 16.48 46.64
C LYS D 131 10.40 17.96 46.91
N HIS D 132 10.17 18.75 45.86
CA HIS D 132 9.94 20.18 45.99
C HIS D 132 8.50 20.59 45.65
N GLY D 133 7.59 19.63 45.59
CA GLY D 133 6.18 19.94 45.41
C GLY D 133 5.70 19.90 43.98
N ALA D 134 6.33 19.11 43.13
CA ALA D 134 5.88 18.97 41.75
C ALA D 134 4.52 18.27 41.71
N ASP D 135 3.62 18.78 40.89
CA ASP D 135 2.28 18.21 40.78
C ASP D 135 2.33 16.96 39.94
N VAL D 136 2.06 15.80 40.57
CA VAL D 136 2.05 14.55 39.84
C VAL D 136 0.82 14.46 38.94
N ASN D 137 -0.25 15.17 39.29
CA ASN D 137 -1.49 15.15 38.52
C ASN D 137 -1.47 16.15 37.37
N ALA D 138 -0.33 16.78 37.10
CA ALA D 138 -0.27 17.78 36.03
C ALA D 138 -0.68 17.17 34.70
N GLN D 139 -1.66 17.77 34.05
CA GLN D 139 -2.19 17.31 32.77
C GLN D 139 -1.79 18.28 31.67
N ASP D 140 -1.81 17.78 30.43
CA ASP D 140 -1.52 18.60 29.27
C ASP D 140 -2.72 18.62 28.32
N LYS D 141 -2.50 19.05 27.07
CA LYS D 141 -3.60 19.16 26.13
C LYS D 141 -4.24 17.80 25.86
N ARG D 142 -3.43 16.75 25.74
CA ARG D 142 -3.92 15.40 25.54
C ARG D 142 -4.23 14.68 26.85
N GLY D 143 -4.14 15.38 27.97
CA GLY D 143 -4.43 14.77 29.26
C GLY D 143 -3.40 13.75 29.70
N LYS D 144 -2.13 14.00 29.41
CA LYS D 144 -1.06 13.10 29.77
C LYS D 144 -0.42 13.59 31.07
N THR D 145 -0.39 12.74 32.08
CA THR D 145 0.33 13.01 33.32
C THR D 145 1.77 12.54 33.18
N PRO D 146 2.69 13.11 33.98
CA PRO D 146 4.07 12.62 33.94
C PRO D 146 4.18 11.12 34.12
N PHE D 147 3.23 10.50 34.83
CA PHE D 147 3.18 9.05 34.86
C PHE D 147 2.88 8.49 33.48
N ASP D 148 1.93 9.09 32.77
CA ASP D 148 1.59 8.63 31.42
C ASP D 148 2.80 8.71 30.51
N LEU D 149 3.61 9.77 30.65
CA LEU D 149 4.78 9.93 29.79
C LEU D 149 5.87 8.94 30.14
N ALA D 150 6.06 8.66 31.43
CA ALA D 150 7.04 7.67 31.84
C ALA D 150 6.73 6.31 31.22
N ILE D 151 5.46 5.92 31.21
CA ILE D 151 5.08 4.62 30.66
C ILE D 151 5.14 4.64 29.13
N ASP D 152 4.72 5.75 28.52
CA ASP D 152 4.72 5.83 27.06
C ASP D 152 6.13 5.75 26.49
N ASN D 153 7.13 6.26 27.23
CA ASN D 153 8.50 6.30 26.77
C ASN D 153 9.38 5.22 27.39
N GLY D 154 8.76 4.22 28.03
CA GLY D 154 9.50 3.11 28.60
C GLY D 154 10.40 3.47 29.76
N ASN D 155 9.93 4.33 30.66
CA ASN D 155 10.70 4.67 31.85
C ASN D 155 10.02 4.09 33.08
N GLU D 156 9.97 2.75 33.14
CA GLU D 156 9.27 2.07 34.23
C GLU D 156 9.77 2.52 35.60
N ASP D 157 11.09 2.69 35.74
CA ASP D 157 11.64 3.04 37.03
C ASP D 157 11.09 4.37 37.54
N ILE D 158 11.14 5.42 36.71
CA ILE D 158 10.65 6.71 37.17
C ILE D 158 9.13 6.66 37.35
N ALA D 159 8.44 5.90 36.48
CA ALA D 159 7.02 5.68 36.68
C ALA D 159 6.75 5.05 38.04
N GLU D 160 7.61 4.13 38.46
CA GLU D 160 7.43 3.47 39.75
C GLU D 160 7.46 4.48 40.89
N VAL D 161 8.42 5.40 40.87
CA VAL D 161 8.51 6.40 41.92
C VAL D 161 7.27 7.29 41.90
N LEU D 162 6.62 7.42 40.75
CA LEU D 162 5.43 8.24 40.63
C LEU D 162 4.20 7.49 41.16
C1 GLC E . 15.78 26.59 -4.05
C2 GLC E . 14.83 25.62 -4.71
C3 GLC E . 13.48 26.20 -4.91
C4 GLC E . 12.88 26.71 -3.63
C5 GLC E . 13.81 27.71 -2.95
C6 GLC E . 13.31 28.01 -1.58
O1 GLC E . 16.09 27.55 -4.94
O2 GLC E . 15.42 25.26 -5.98
O3 GLC E . 12.60 25.19 -5.47
O4 GLC E . 11.63 27.36 -3.92
O5 GLC E . 15.20 27.24 -2.81
O6 GLC E . 14.21 28.87 -0.95
H1 GLC E . 16.58 26.11 -3.78
H2 GLC E . 14.72 24.82 -4.17
H3 GLC E . 13.54 26.94 -5.54
H4 GLC E . 12.72 25.96 -3.03
H5 GLC E . 13.80 28.51 -3.51
H61 GLC E . 13.25 27.18 -1.07
H62 GLC E . 12.44 28.42 -1.63
HO1 GLC E . 16.94 27.68 -4.95
HO2 GLC E . 15.44 25.95 -6.49
HO3 GLC E . 12.47 24.58 -4.88
HO6 GLC E . 13.82 29.61 -0.78
C1 GLC E . 10.55 26.58 -3.65
C2 GLC E . 9.45 26.85 -4.66
C3 GLC E . 9.01 28.29 -4.62
C4 GLC E . 8.61 28.73 -3.25
C5 GLC E . 9.59 28.29 -2.15
C6 GLC E . 8.90 28.44 -0.83
O2 GLC E . 9.93 26.52 -5.98
O3 GLC E . 7.87 28.46 -5.51
O4 GLC E . 8.56 30.15 -3.23
O5 GLC E . 10.03 26.89 -2.28
O6 GLC E . 9.82 28.36 0.22
H1 GLC E . 10.84 25.65 -3.70
H2 GLC E . 8.67 26.30 -4.47
H3 GLC E . 9.75 28.83 -4.93
H4 GLC E . 7.74 28.34 -3.06
H5 GLC E . 10.37 28.85 -2.18
H61 GLC E . 8.45 29.29 -0.80
H62 GLC E . 8.23 27.73 -0.73
HO2 GLC E . 10.67 26.92 -6.12
HO3 GLC E . 8.12 28.35 -6.32
HO4 GLC E . 8.13 30.41 -2.55
HO6 GLC E . 9.42 28.06 0.92
C1 GLC F . -4.01 -19.08 -7.58
C2 GLC F . -3.70 -18.61 -6.18
C3 GLC F . -3.11 -19.66 -5.31
C4 GLC F . -3.91 -20.94 -5.34
C5 GLC F . -4.18 -21.40 -6.77
C6 GLC F . -5.11 -22.58 -6.74
O1 GLC F . -2.85 -19.29 -8.25
O2 GLC F . -2.75 -17.51 -6.27
O3 GLC F . -3.04 -19.19 -3.95
O4 GLC F . -3.15 -21.95 -4.66
O5 GLC F . -4.80 -20.35 -7.58
O6 GLC F . -5.55 -22.84 -8.03
H1 GLC F . -4.52 -18.38 -8.03
H2 GLC F . -4.51 -18.30 -5.76
H3 GLC F . -2.21 -19.85 -5.64
H4 GLC F . -4.75 -20.79 -4.88
H5 GLC F . -3.34 -21.67 -7.16
H61 GLC F . -4.64 -23.36 -6.40
H62 GLC F . -5.87 -22.38 -6.17
HO1 GLC F . -2.43 -18.56 -8.33
HO2 GLC F . -2.01 -17.80 -6.56
HO3 GLC F . -3.83 -19.03 -3.67
HO6 GLC F . -5.08 -23.46 -8.38
C1 GLC F . -3.53 -22.15 -3.37
C2 GLC F . -2.28 -22.30 -2.52
C3 GLC F . -1.48 -23.50 -2.91
C4 GLC F . -2.32 -24.74 -2.93
C5 GLC F . -3.60 -24.56 -3.77
C6 GLC F . -4.43 -25.79 -3.68
O2 GLC F . -1.47 -21.13 -2.64
O3 GLC F . -0.41 -23.67 -1.94
O4 GLC F . -1.56 -25.82 -3.50
O5 GLC F . -4.36 -23.40 -3.31
O6 GLC F . -5.77 -25.44 -3.80
H1 GLC F . -4.04 -21.39 -3.08
H2 GLC F . -2.55 -22.39 -1.58
H3 GLC F . -1.11 -23.35 -3.78
H4 GLC F . -2.55 -24.97 -2.02
H5 GLC F . -3.35 -24.43 -4.70
H61 GLC F . -4.28 -26.21 -2.82
H62 GLC F . -4.19 -26.40 -4.38
HO2 GLC F . -1.44 -20.88 -3.46
HO3 GLC F . 0.00 -22.93 -1.84
HO4 GLC F . -1.64 -26.51 -3.01
HO6 GLC F . -6.10 -25.24 -3.04
C1 FPP G . 6.02 14.31 23.79
O1 FPP G . 5.00 13.79 24.59
C2 FPP G . 6.69 15.57 24.33
C3 FPP G . 6.83 15.89 25.61
C4 FPP G . 6.30 14.99 26.72
C5 FPP G . 7.57 17.21 25.87
C6 FPP G . 7.41 17.80 27.28
C7 FPP G . 8.37 18.97 27.62
C8 FPP G . 8.93 19.88 26.81
C10 FPP G . 9.84 20.91 27.46
C9 FPP G . 8.74 20.01 25.29
C11 FPP G . 9.61 19.00 24.55
C12 FPP G . 10.65 19.61 23.63
C13 FPP G . 11.30 18.81 22.79
C14 FPP G . 12.36 19.36 21.84
C15 FPP G . 11.01 17.31 22.77
PA FPP G . 4.35 12.36 24.08
O1A FPP G . 4.74 11.24 25.00
O2A FPP G . 2.84 12.47 24.02
O3A FPP G . 4.93 12.01 22.58
PB FPP G . 4.21 12.46 21.17
O1B FPP G . 2.96 13.26 21.47
O2B FPP G . 5.16 13.30 20.35
O3B FPP G . 3.84 11.22 20.39
H11 FPP G . 5.65 14.50 22.91
H12A FPP G . 6.70 13.62 23.70
H2 FPP G . 7.03 16.17 23.70
H41 FPP G . 6.50 14.07 26.51
H42 FPP G . 5.35 15.10 26.81
H43 FPP G . 6.74 15.22 27.56
H51 FPP G . 7.24 17.87 25.25
H52 FPP G . 8.51 17.06 25.73
H61 FPP G . 7.56 17.09 27.93
H62 FPP G . 6.51 18.14 27.37
H7 FPP G . 8.61 19.05 28.51
H101 FPP G . 10.38 20.49 28.15
H102 FPP G . 9.29 21.61 27.87
H103 FPP G . 10.43 21.30 26.80
H91 FPP G . 9.01 20.91 25.01
H92 FPP G . 7.82 19.87 25.06
H111 FPP G . 9.03 18.43 24.02
H112 FPP G . 10.07 18.46 25.22
H12 FPP G . 10.83 20.52 23.64
H141 FPP G . 13.21 19.46 22.31
H142 FPP G . 12.07 20.23 21.51
H143 FPP G . 12.48 18.75 21.10
H151 FPP G . 11.64 16.87 22.17
H152 FPP G . 10.10 17.16 22.46
H153 FPP G . 11.12 16.95 23.66
#